data_6D5H
#
_entry.id   6D5H
#
_cell.length_a   184.142
_cell.length_b   184.142
_cell.length_c   179.238
_cell.angle_alpha   90.00
_cell.angle_beta   90.00
_cell.angle_gamma   90.00
#
_symmetry.space_group_name_H-M   'I 4 2 2'
#
loop_
_entity.id
_entity.type
_entity.pdbx_description
1 polymer 'GTPase HRas'
2 polymer 'Son of sevenless homolog 1'
3 polymer 'GTPase HRas'
4 non-polymer 'PHOSPHOAMINOPHOSPHONIC ACID-GUANYLATE ESTER'
5 non-polymer 'MAGNESIUM ION'
6 non-polymer 'CHLORIDE ION'
7 non-polymer 6-chloro-4-(2-chlorophenyl)-1-[(4-fluoro-3,5-dimethylphenyl)methyl]-2-(piperazin-1-yl)-1H-benzimidazole
8 non-polymer 'FORMIC ACID'
9 non-polymer GLYCEROL
10 water water
#
loop_
_entity_poly.entity_id
_entity_poly.type
_entity_poly.pdbx_seq_one_letter_code
_entity_poly.pdbx_strand_id
1 'polypeptide(L)'
;GMTEYKLVVVGAGGVGKSALTIQLIQNHFVDEYDPTIEDSYRKQVVIDGET(CSO)LLDILDTAGQEEASAMRDQYMRTG
EGFLCVFAINNTKSFEDIHQYREQIKRVKDSDDVPMVLVGNKCDLAARTVESRQAQDLARSYGIPYIETSAKTRQGVEDA
FYTLVREIRQH
;
A
2 'polypeptide(L)'
;GQMRLPSADVYRFAEPDSEENIIFEENMQPKAGIPIIKAGTVIKLIERLTYHMYADPNFVRTFLTTYRSFCKPQELLSLI
IERFEIPEPEPTEADRIAIENGDQPLSAELKRFRKEYIQPVQLRVLNVCRHWVEHHFYDFERDAYLLQRMEEFIGTVRGK
AMKKWVESITKIIQRKKIARDNGPGHNITFQSSPPTVEWHISRPGHIETFDLLTLHPIEIARQLTLLESDLYRAVQPSEL
VGSVWTKEDKEINSPNLLKMIRHTTNLTLWFEKCIVETENLEERVAVVSRIIEILQVFQELNNFNGVLEVVSAMNSSPVY
RLDHTFEQIPSRQKKILEEAHELSEDHYKKYLAKLRSINPPCVPFFGIYLTNILKTEEGNPEVLKRHGKELINFSKRRKV
AEITGEIQQYQNQPYCLRVESDIKRFFENLNPMGNSMEKEFTDYLFNKSLEIEPRNPKPLPRFPKKYSYPLKSPGVRPSN
PR
;
B
3 'polypeptide(L)'
;GMTEYKLVVVGAGGVGKSALTIQLIQNHFVDEYDPTIEDSYRKQVVIDGETCLLDILDTAGQEEYSAMRDQYMRTGEGFL
CVFAINNTKSFEDIHQYREQIKRVKDSDDVPMVLVGNKCDLAARTVESRQAQDLARSYGIPYIETSAKTRQGVEDAFYTL
VREIRQH
;
C
#
loop_
_chem_comp.id
_chem_comp.type
_chem_comp.name
_chem_comp.formula
CL non-polymer 'CHLORIDE ION' 'Cl -1'
FMT non-polymer 'FORMIC ACID' 'C H2 O2'
FV7 non-polymer 6-chloro-4-(2-chlorophenyl)-1-[(4-fluoro-3,5-dimethylphenyl)methyl]-2-(piperazin-1-yl)-1H-benzimidazole 'C26 H25 Cl2 F N4'
GNP non-polymer 'PHOSPHOAMINOPHOSPHONIC ACID-GUANYLATE ESTER' 'C10 H17 N6 O13 P3'
GOL non-polymer GLYCEROL 'C3 H8 O3'
MG non-polymer 'MAGNESIUM ION' 'Mg 2'
#
# COMPACT_ATOMS: atom_id res chain seq x y z
N MET A 2 -5.78 16.24 -5.71
CA MET A 2 -6.29 15.12 -6.51
C MET A 2 -7.81 15.02 -6.42
N THR A 3 -8.46 15.26 -7.55
CA THR A 3 -9.89 15.10 -7.66
C THR A 3 -10.23 13.61 -7.81
N GLU A 4 -11.25 13.16 -7.11
CA GLU A 4 -11.69 11.78 -7.18
C GLU A 4 -12.92 11.66 -8.08
N TYR A 5 -12.93 10.68 -8.98
CA TYR A 5 -14.04 10.50 -9.93
C TYR A 5 -14.64 9.11 -9.79
N LYS A 6 -15.97 9.05 -9.65
CA LYS A 6 -16.61 7.76 -9.47
C LYS A 6 -17.23 7.29 -10.79
N LEU A 7 -16.57 6.34 -11.45
CA LEU A 7 -17.04 5.82 -12.73
C LEU A 7 -17.71 4.49 -12.52
N VAL A 8 -18.75 4.23 -13.29
CA VAL A 8 -19.44 2.95 -13.23
C VAL A 8 -19.54 2.36 -14.63
N VAL A 9 -19.19 1.09 -14.75
CA VAL A 9 -19.25 0.41 -16.04
C VAL A 9 -20.48 -0.49 -16.08
N VAL A 10 -21.38 -0.26 -17.04
CA VAL A 10 -22.65 -1.01 -17.14
C VAL A 10 -22.90 -1.55 -18.54
N GLY A 11 -23.80 -2.53 -18.63
CA GLY A 11 -24.11 -3.16 -19.90
C GLY A 11 -24.42 -4.65 -19.74
N ALA A 12 -24.90 -5.26 -20.80
CA ALA A 12 -25.36 -6.64 -20.76
C ALA A 12 -24.24 -7.62 -20.40
N GLY A 13 -24.62 -8.81 -19.93
CA GLY A 13 -23.66 -9.84 -19.59
C GLY A 13 -22.79 -10.22 -20.77
N GLY A 14 -21.49 -10.34 -20.51
CA GLY A 14 -20.55 -10.85 -21.49
C GLY A 14 -20.03 -9.88 -22.53
N VAL A 15 -20.37 -8.59 -22.41
CA VAL A 15 -19.93 -7.63 -23.42
C VAL A 15 -18.48 -7.19 -23.25
N GLY A 16 -17.91 -7.43 -22.08
CA GLY A 16 -16.50 -7.13 -21.83
C GLY A 16 -16.25 -6.00 -20.85
N LYS A 17 -17.20 -5.73 -19.96
CA LYS A 17 -17.03 -4.69 -18.96
C LYS A 17 -15.81 -4.97 -18.08
N SER A 18 -15.70 -6.21 -17.61
CA SER A 18 -14.58 -6.58 -16.74
C SER A 18 -13.27 -6.57 -17.51
N ALA A 19 -13.27 -7.12 -18.72
CA ALA A 19 -12.03 -7.14 -19.51
C ALA A 19 -11.56 -5.70 -19.80
N LEU A 20 -12.49 -4.81 -20.12
CA LEU A 20 -12.12 -3.41 -20.35
C LEU A 20 -11.48 -2.81 -19.11
N THR A 21 -12.12 -3.02 -17.96
CA THR A 21 -11.64 -2.43 -16.70
C THR A 21 -10.25 -2.97 -16.33
N ILE A 22 -10.09 -4.28 -16.42
CA ILE A 22 -8.83 -4.91 -16.04
C ILE A 22 -7.70 -4.55 -17.03
N GLN A 23 -8.04 -4.38 -18.30
CA GLN A 23 -7.08 -3.85 -19.27
C GLN A 23 -6.63 -2.44 -18.86
N LEU A 24 -7.57 -1.59 -18.47
CA LEU A 24 -7.22 -0.24 -18.02
C LEU A 24 -6.32 -0.27 -16.78
N ILE A 25 -6.68 -1.10 -15.82
CA ILE A 25 -6.05 -1.08 -14.52
C ILE A 25 -4.69 -1.79 -14.54
N GLN A 26 -4.64 -2.95 -15.20
CA GLN A 26 -3.46 -3.82 -15.15
C GLN A 26 -2.72 -4.06 -16.47
N ASN A 27 -3.22 -3.52 -17.57
CA ASN A 27 -2.65 -3.78 -18.90
C ASN A 27 -2.64 -5.28 -19.23
N HIS A 28 -3.68 -5.98 -18.80
CA HIS A 28 -3.80 -7.41 -18.98
C HIS A 28 -5.18 -7.75 -19.57
N PHE A 29 -5.22 -8.65 -20.55
CA PHE A 29 -6.49 -9.10 -21.11
C PHE A 29 -6.96 -10.40 -20.47
N VAL A 30 -8.16 -10.39 -19.91
CA VAL A 30 -8.73 -11.57 -19.28
C VAL A 30 -9.47 -12.40 -20.31
N ASP A 31 -9.02 -13.62 -20.52
CA ASP A 31 -9.64 -14.48 -21.52
C ASP A 31 -10.86 -15.21 -20.95
N GLU A 32 -10.87 -15.44 -19.65
CA GLU A 32 -11.97 -16.15 -19.02
C GLU A 32 -13.22 -15.30 -18.94
N TYR A 33 -14.37 -15.96 -18.86
CA TYR A 33 -15.66 -15.30 -18.70
C TYR A 33 -16.17 -15.68 -17.31
N ASP A 34 -15.81 -14.88 -16.31
CA ASP A 34 -16.29 -15.04 -14.94
C ASP A 34 -17.29 -13.95 -14.59
N PRO A 35 -18.59 -14.28 -14.62
CA PRO A 35 -19.59 -13.23 -14.41
C PRO A 35 -19.41 -12.49 -13.08
N THR A 36 -19.44 -11.17 -13.18
CA THR A 36 -19.23 -10.28 -12.05
C THR A 36 -20.47 -10.16 -11.17
N ILE A 37 -20.27 -9.97 -9.88
CA ILE A 37 -21.33 -9.56 -8.98
C ILE A 37 -21.19 -8.06 -8.74
N GLU A 38 -20.08 -7.66 -8.12
CA GLU A 38 -19.67 -6.24 -8.11
C GLU A 38 -18.23 -6.15 -7.67
N ASP A 39 -17.43 -5.45 -8.48
CA ASP A 39 -16.01 -5.28 -8.23
C ASP A 39 -15.67 -3.80 -8.26
N SER A 40 -14.62 -3.43 -7.54
N SER A 40 -14.65 -3.39 -7.52
CA SER A 40 -14.21 -2.03 -7.44
CA SER A 40 -14.23 -2.00 -7.60
C SER A 40 -12.70 -1.91 -7.67
C SER A 40 -12.72 -1.90 -7.70
N TYR A 41 -12.28 -0.86 -8.37
CA TYR A 41 -10.87 -0.64 -8.67
C TYR A 41 -10.50 0.82 -8.46
N ARG A 42 -9.23 1.11 -8.20
CA ARG A 42 -8.80 2.51 -8.15
C ARG A 42 -7.60 2.72 -9.06
N LYS A 43 -7.50 3.91 -9.64
CA LYS A 43 -6.40 4.22 -10.53
C LYS A 43 -6.02 5.70 -10.45
N GLN A 44 -4.78 5.97 -10.05
CA GLN A 44 -4.25 7.33 -10.11
C GLN A 44 -3.69 7.56 -11.51
N VAL A 45 -4.08 8.66 -12.14
CA VAL A 45 -3.68 8.92 -13.52
C VAL A 45 -3.76 10.41 -13.81
N VAL A 46 -2.83 10.92 -14.62
CA VAL A 46 -2.87 12.30 -15.02
C VAL A 46 -3.64 12.42 -16.33
N ILE A 47 -4.69 13.23 -16.33
CA ILE A 47 -5.53 13.43 -17.50
C ILE A 47 -5.60 14.92 -17.79
N ASP A 48 -5.22 15.31 -19.00
CA ASP A 48 -5.14 16.72 -19.38
C ASP A 48 -4.37 17.55 -18.36
N GLY A 49 -3.25 16.99 -17.89
CA GLY A 49 -2.36 17.67 -16.96
C GLY A 49 -2.81 17.75 -15.52
N GLU A 50 -3.94 17.14 -15.19
N GLU A 50 -3.95 17.14 -15.20
CA GLU A 50 -4.43 17.18 -13.82
CA GLU A 50 -4.51 17.13 -13.85
C GLU A 50 -4.51 15.77 -13.24
C GLU A 50 -4.45 15.72 -13.28
N THR A 51 -3.85 15.57 -12.11
CA THR A 51 -3.82 14.26 -11.48
C THR A 51 -5.18 13.94 -10.85
N CSO A 52 -5.72 12.77 -11.18
CA CSO A 52 -6.88 12.34 -10.41
CB CSO A 52 -8.16 12.67 -11.11
SG CSO A 52 -8.07 11.96 -12.73
C CSO A 52 -6.90 10.88 -10.04
O CSO A 52 -6.04 10.11 -10.43
OD CSO A 52 -7.94 13.40 -13.75
N LEU A 53 -7.91 10.56 -9.27
CA LEU A 53 -8.08 9.25 -8.71
C LEU A 53 -9.41 8.70 -9.20
N LEU A 54 -9.35 7.69 -10.04
CA LEU A 54 -10.56 7.08 -10.56
C LEU A 54 -10.99 5.94 -9.66
N ASP A 55 -12.25 5.97 -9.20
CA ASP A 55 -12.87 4.83 -8.54
C ASP A 55 -13.75 4.19 -9.58
N ILE A 56 -13.50 2.94 -9.93
CA ILE A 56 -14.22 2.32 -11.02
C ILE A 56 -15.04 1.16 -10.48
N LEU A 57 -16.34 1.24 -10.67
CA LEU A 57 -17.23 0.17 -10.25
C LEU A 57 -17.58 -0.69 -11.45
N ASP A 58 -17.29 -1.98 -11.34
CA ASP A 58 -17.52 -2.96 -12.38
C ASP A 58 -18.77 -3.77 -11.97
N THR A 59 -19.82 -3.69 -12.77
CA THR A 59 -21.13 -4.18 -12.33
C THR A 59 -21.55 -5.49 -13.01
N ALA A 60 -22.64 -6.07 -12.52
CA ALA A 60 -23.14 -7.34 -13.05
C ALA A 60 -24.06 -7.12 -14.24
N GLY A 61 -23.79 -7.83 -15.32
CA GLY A 61 -24.62 -7.78 -16.50
C GLY A 61 -25.66 -8.89 -16.58
N GLN A 62 -25.45 -9.98 -15.84
CA GLN A 62 -26.37 -11.10 -15.89
C GLN A 62 -27.75 -10.66 -15.42
N GLU A 63 -28.80 -11.16 -16.07
CA GLU A 63 -30.16 -10.70 -15.80
C GLU A 63 -30.61 -10.99 -14.37
N GLU A 64 -30.08 -12.04 -13.79
CA GLU A 64 -30.43 -12.44 -12.43
C GLU A 64 -30.10 -11.34 -11.40
N ALA A 65 -29.24 -10.40 -11.78
CA ALA A 65 -28.87 -9.32 -10.87
C ALA A 65 -29.60 -8.00 -11.18
N SER A 66 -30.60 -8.05 -12.05
CA SER A 66 -31.19 -6.83 -12.60
C SER A 66 -31.97 -5.97 -11.58
N ALA A 67 -32.29 -6.53 -10.42
CA ALA A 67 -33.05 -5.79 -9.41
C ALA A 67 -32.15 -5.11 -8.39
N MET A 68 -30.84 -5.14 -8.63
CA MET A 68 -29.91 -4.64 -7.64
C MET A 68 -29.09 -3.43 -8.11
N ARG A 69 -29.60 -2.72 -9.12
CA ARG A 69 -28.83 -1.66 -9.77
C ARG A 69 -28.99 -0.27 -9.16
N ASP A 70 -30.16 0.04 -8.61
CA ASP A 70 -30.37 1.39 -8.08
C ASP A 70 -29.23 1.82 -7.16
N GLN A 71 -28.81 0.91 -6.28
CA GLN A 71 -27.81 1.23 -5.27
C GLN A 71 -26.47 1.68 -5.86
N TYR A 72 -26.04 1.10 -6.97
CA TYR A 72 -24.77 1.59 -7.52
C TYR A 72 -24.97 2.82 -8.41
N MET A 73 -26.14 2.94 -9.02
CA MET A 73 -26.38 4.10 -9.89
C MET A 73 -26.48 5.38 -9.08
N ARG A 74 -26.92 5.27 -7.83
CA ARG A 74 -26.99 6.44 -6.97
C ARG A 74 -25.62 7.02 -6.71
N THR A 75 -24.62 6.16 -6.61
CA THR A 75 -23.28 6.59 -6.20
C THR A 75 -22.41 7.06 -7.37
N GLY A 76 -22.72 6.61 -8.58
CA GLY A 76 -21.87 6.91 -9.70
C GLY A 76 -21.98 8.34 -10.20
N GLU A 77 -20.85 8.91 -10.64
N GLU A 77 -20.86 8.91 -10.66
CA GLU A 77 -20.85 10.25 -11.22
CA GLU A 77 -20.86 10.24 -11.22
C GLU A 77 -20.95 10.20 -12.73
C GLU A 77 -20.91 10.23 -12.74
N GLY A 78 -20.40 9.15 -13.33
CA GLY A 78 -20.44 8.97 -14.76
C GLY A 78 -20.51 7.50 -15.14
N PHE A 79 -21.03 7.20 -16.32
CA PHE A 79 -21.32 5.81 -16.69
C PHE A 79 -20.77 5.46 -18.06
N LEU A 80 -20.01 4.38 -18.13
CA LEU A 80 -19.67 3.77 -19.41
C LEU A 80 -20.73 2.77 -19.77
N CYS A 81 -21.48 3.03 -20.83
CA CYS A 81 -22.54 2.13 -21.27
C CYS A 81 -22.00 1.26 -22.39
N VAL A 82 -21.73 -0.01 -22.06
CA VAL A 82 -21.01 -0.90 -22.96
C VAL A 82 -21.90 -1.93 -23.64
N PHE A 83 -21.73 -2.09 -24.95
CA PHE A 83 -22.29 -3.23 -25.66
C PHE A 83 -21.18 -3.85 -26.49
N ALA A 84 -21.44 -5.00 -27.09
CA ALA A 84 -20.46 -5.66 -27.95
C ALA A 84 -20.92 -5.56 -29.39
N ILE A 85 -20.01 -5.20 -30.29
CA ILE A 85 -20.40 -4.94 -31.67
C ILE A 85 -20.73 -6.21 -32.45
N ASN A 86 -20.56 -7.37 -31.83
CA ASN A 86 -20.99 -8.63 -32.44
C ASN A 86 -22.20 -9.23 -31.73
N ASN A 87 -22.91 -8.41 -30.98
CA ASN A 87 -24.06 -8.86 -30.20
C ASN A 87 -25.17 -7.82 -30.23
N THR A 88 -26.12 -8.00 -31.15
N THR A 88 -26.12 -7.98 -31.14
CA THR A 88 -27.18 -7.02 -31.35
CA THR A 88 -27.16 -6.96 -31.32
C THR A 88 -28.05 -6.85 -30.12
C THR A 88 -28.06 -6.83 -30.10
N LYS A 89 -28.28 -7.93 -29.39
CA LYS A 89 -29.11 -7.86 -28.19
C LYS A 89 -28.49 -6.94 -27.15
N SER A 90 -27.17 -6.99 -27.00
CA SER A 90 -26.51 -6.11 -26.04
C SER A 90 -26.68 -4.64 -26.42
N PHE A 91 -26.70 -4.35 -27.73
CA PHE A 91 -26.95 -2.99 -28.19
C PHE A 91 -28.38 -2.54 -27.83
N GLU A 92 -29.35 -3.42 -28.06
CA GLU A 92 -30.73 -3.14 -27.72
C GLU A 92 -30.94 -2.96 -26.21
N ASP A 93 -30.09 -3.57 -25.38
CA ASP A 93 -30.18 -3.42 -23.94
C ASP A 93 -29.69 -2.06 -23.43
N ILE A 94 -28.94 -1.33 -24.26
CA ILE A 94 -28.39 -0.04 -23.85
C ILE A 94 -29.46 0.94 -23.38
N HIS A 95 -30.56 1.05 -24.13
CA HIS A 95 -31.54 2.05 -23.77
C HIS A 95 -32.14 1.82 -22.37
N GLN A 96 -32.24 0.55 -21.95
N GLN A 96 -32.22 0.55 -21.95
CA GLN A 96 -32.73 0.23 -20.61
CA GLN A 96 -32.75 0.25 -20.62
C GLN A 96 -31.83 0.81 -19.53
C GLN A 96 -31.83 0.76 -19.51
N TYR A 97 -30.53 0.63 -19.70
CA TYR A 97 -29.56 1.17 -18.77
C TYR A 97 -29.61 2.70 -18.77
N ARG A 98 -29.65 3.29 -19.95
CA ARG A 98 -29.75 4.73 -20.07
C ARG A 98 -30.96 5.29 -19.32
N GLU A 99 -32.11 4.66 -19.52
CA GLU A 99 -33.34 5.13 -18.87
C GLU A 99 -33.31 4.94 -17.36
N GLN A 100 -32.76 3.82 -16.90
CA GLN A 100 -32.72 3.57 -15.47
C GLN A 100 -31.80 4.58 -14.78
N ILE A 101 -30.66 4.88 -15.41
CA ILE A 101 -29.73 5.83 -14.82
C ILE A 101 -30.38 7.20 -14.69
N LYS A 102 -31.06 7.63 -15.74
CA LYS A 102 -31.78 8.90 -15.73
C LYS A 102 -32.85 8.94 -14.65
N ARG A 103 -33.56 7.84 -14.47
N ARG A 103 -33.54 7.82 -14.48
CA ARG A 103 -34.58 7.78 -13.41
CA ARG A 103 -34.57 7.67 -13.45
C ARG A 103 -33.94 7.90 -12.04
C ARG A 103 -33.99 7.84 -12.06
N VAL A 104 -32.97 7.05 -11.75
CA VAL A 104 -32.37 7.02 -10.42
C VAL A 104 -31.69 8.33 -10.04
N LYS A 105 -30.97 8.93 -10.97
CA LYS A 105 -30.26 10.16 -10.67
C LYS A 105 -31.14 11.38 -10.87
N ASP A 106 -32.39 11.13 -11.30
CA ASP A 106 -33.37 12.18 -11.53
C ASP A 106 -32.78 13.32 -12.36
N SER A 107 -32.23 12.98 -13.52
CA SER A 107 -31.55 13.96 -14.34
C SER A 107 -31.49 13.54 -15.79
N ASP A 108 -31.62 14.51 -16.69
CA ASP A 108 -31.52 14.28 -18.12
C ASP A 108 -30.09 14.51 -18.58
N ASP A 109 -29.22 14.85 -17.63
CA ASP A 109 -27.88 15.33 -17.95
C ASP A 109 -26.76 14.57 -17.21
N VAL A 110 -26.76 13.25 -17.28
CA VAL A 110 -25.76 12.44 -16.56
C VAL A 110 -24.57 12.16 -17.47
N PRO A 111 -23.33 12.39 -16.99
CA PRO A 111 -22.17 12.07 -17.82
C PRO A 111 -22.15 10.60 -18.24
N MET A 112 -22.07 10.35 -19.53
CA MET A 112 -22.04 9.00 -20.07
C MET A 112 -21.20 8.93 -21.32
N VAL A 113 -20.68 7.75 -21.59
CA VAL A 113 -20.05 7.44 -22.87
C VAL A 113 -20.63 6.12 -23.39
N LEU A 114 -20.96 6.07 -24.67
CA LEU A 114 -21.41 4.83 -25.30
C LEU A 114 -20.20 4.07 -25.81
N VAL A 115 -20.02 2.82 -25.40
CA VAL A 115 -18.85 2.05 -25.81
C VAL A 115 -19.22 0.80 -26.58
N GLY A 116 -18.67 0.66 -27.77
CA GLY A 116 -18.87 -0.52 -28.58
C GLY A 116 -17.62 -1.39 -28.51
N ASN A 117 -17.68 -2.46 -27.72
CA ASN A 117 -16.50 -3.27 -27.41
C ASN A 117 -16.35 -4.48 -28.34
N LYS A 118 -15.18 -5.10 -28.28
CA LYS A 118 -14.78 -6.24 -29.09
C LYS A 118 -14.57 -5.85 -30.56
N CYS A 119 -14.03 -4.66 -30.80
CA CYS A 119 -13.83 -4.19 -32.16
C CYS A 119 -12.65 -4.89 -32.85
N ASP A 120 -11.99 -5.82 -32.14
CA ASP A 120 -10.94 -6.63 -32.74
C ASP A 120 -11.53 -7.77 -33.56
N LEU A 121 -12.82 -8.03 -33.39
CA LEU A 121 -13.48 -9.14 -34.06
C LEU A 121 -14.04 -8.70 -35.42
N ALA A 122 -13.78 -9.50 -36.44
CA ALA A 122 -14.20 -9.18 -37.80
C ALA A 122 -15.71 -9.23 -38.00
N ALA A 123 -16.36 -10.20 -37.37
CA ALA A 123 -17.77 -10.46 -37.58
C ALA A 123 -18.71 -9.52 -36.81
N ARG A 124 -18.73 -8.27 -37.21
CA ARG A 124 -19.58 -7.24 -36.61
C ARG A 124 -21.07 -7.40 -36.99
N THR A 125 -21.98 -7.22 -36.03
CA THR A 125 -23.41 -7.24 -36.32
C THR A 125 -24.10 -5.90 -36.02
N VAL A 126 -23.42 -5.04 -35.28
CA VAL A 126 -23.91 -3.69 -35.03
C VAL A 126 -23.03 -2.69 -35.77
N GLU A 127 -23.61 -1.96 -36.70
CA GLU A 127 -22.82 -1.03 -37.48
C GLU A 127 -22.52 0.25 -36.71
N SER A 128 -21.36 0.85 -36.97
CA SER A 128 -20.94 2.05 -36.26
C SER A 128 -21.97 3.17 -36.38
N ARG A 129 -22.54 3.32 -37.57
CA ARG A 129 -23.51 4.37 -37.83
C ARG A 129 -24.73 4.28 -36.91
N GLN A 130 -25.23 3.06 -36.74
CA GLN A 130 -26.36 2.81 -35.86
C GLN A 130 -26.05 3.23 -34.42
N ALA A 131 -24.86 2.86 -33.93
CA ALA A 131 -24.49 3.23 -32.57
C ALA A 131 -24.25 4.73 -32.47
N GLN A 132 -23.64 5.32 -33.49
CA GLN A 132 -23.36 6.74 -33.48
C GLN A 132 -24.66 7.54 -33.46
N ASP A 133 -25.66 7.10 -34.23
CA ASP A 133 -26.97 7.76 -34.22
C ASP A 133 -27.57 7.77 -32.81
N LEU A 134 -27.47 6.63 -32.12
CA LEU A 134 -27.98 6.53 -30.76
C LEU A 134 -27.25 7.48 -29.82
N ALA A 135 -25.93 7.46 -29.89
CA ALA A 135 -25.11 8.36 -29.10
C ALA A 135 -25.52 9.83 -29.30
N ARG A 136 -25.70 10.24 -30.54
CA ARG A 136 -26.10 11.63 -30.81
C ARG A 136 -27.44 11.95 -30.16
N SER A 137 -28.36 10.99 -30.20
CA SER A 137 -29.69 11.21 -29.61
C SER A 137 -29.60 11.37 -28.09
N TYR A 138 -28.52 10.82 -27.51
CA TYR A 138 -28.26 10.92 -26.08
C TYR A 138 -27.38 12.14 -25.75
N GLY A 139 -26.79 12.73 -26.78
CA GLY A 139 -25.86 13.83 -26.56
C GLY A 139 -24.51 13.41 -26.01
N ILE A 140 -24.05 12.21 -26.33
CA ILE A 140 -22.80 11.68 -25.75
C ILE A 140 -21.88 11.08 -26.83
N PRO A 141 -20.58 10.95 -26.53
CA PRO A 141 -19.69 10.40 -27.55
C PRO A 141 -19.82 8.90 -27.66
N TYR A 142 -19.40 8.37 -28.81
CA TYR A 142 -19.36 6.92 -29.04
C TYR A 142 -17.93 6.52 -29.31
N ILE A 143 -17.43 5.55 -28.56
CA ILE A 143 -16.05 5.10 -28.74
C ILE A 143 -16.02 3.60 -28.90
N GLU A 144 -15.36 3.11 -29.96
CA GLU A 144 -15.22 1.67 -30.13
C GLU A 144 -13.91 1.20 -29.51
N THR A 145 -13.96 0.05 -28.85
CA THR A 145 -12.86 -0.42 -28.02
C THR A 145 -12.57 -1.89 -28.26
N SER A 146 -11.35 -2.29 -27.93
CA SER A 146 -11.03 -3.69 -27.74
C SER A 146 -10.27 -3.89 -26.44
N ALA A 147 -10.85 -4.65 -25.52
CA ALA A 147 -10.16 -4.97 -24.28
C ALA A 147 -8.96 -5.88 -24.57
N LYS A 148 -9.00 -6.56 -25.71
CA LYS A 148 -7.94 -7.48 -26.09
C LYS A 148 -6.70 -6.78 -26.62
N THR A 149 -6.88 -5.79 -27.49
CA THR A 149 -5.74 -5.11 -28.10
C THR A 149 -5.40 -3.76 -27.47
N ARG A 150 -6.31 -3.24 -26.63
CA ARG A 150 -6.26 -1.92 -25.97
C ARG A 150 -6.78 -0.77 -26.80
N GLN A 151 -7.12 -1.03 -28.06
CA GLN A 151 -7.67 0.02 -28.91
C GLN A 151 -8.84 0.73 -28.21
N GLY A 152 -8.77 2.05 -28.12
CA GLY A 152 -9.84 2.87 -27.57
C GLY A 152 -10.04 2.84 -26.06
N VAL A 153 -9.35 1.97 -25.34
CA VAL A 153 -9.70 1.76 -23.94
C VAL A 153 -9.45 3.01 -23.10
N GLU A 154 -8.25 3.59 -23.20
CA GLU A 154 -7.99 4.83 -22.46
C GLU A 154 -8.91 5.95 -22.91
N ASP A 155 -9.13 6.04 -24.21
CA ASP A 155 -9.99 7.06 -24.78
C ASP A 155 -11.39 6.99 -24.16
N ALA A 156 -11.92 5.77 -24.00
CA ALA A 156 -13.27 5.64 -23.44
C ALA A 156 -13.35 6.14 -22.00
N PHE A 157 -12.46 5.62 -21.15
CA PHE A 157 -12.52 5.99 -19.74
C PHE A 157 -12.18 7.45 -19.53
N TYR A 158 -11.14 7.94 -20.22
CA TYR A 158 -10.70 9.30 -19.96
C TYR A 158 -11.68 10.32 -20.58
N THR A 159 -12.36 9.95 -21.66
CA THR A 159 -13.42 10.82 -22.17
C THR A 159 -14.54 10.96 -21.12
N LEU A 160 -14.88 9.87 -20.44
CA LEU A 160 -15.89 9.94 -19.40
C LEU A 160 -15.45 10.86 -18.26
N VAL A 161 -14.17 10.78 -17.88
CA VAL A 161 -13.66 11.70 -16.88
C VAL A 161 -13.82 13.15 -17.32
N ARG A 162 -13.51 13.45 -18.57
CA ARG A 162 -13.65 14.81 -19.06
C ARG A 162 -15.10 15.29 -18.98
N GLU A 163 -16.04 14.38 -19.19
N GLU A 163 -16.03 14.37 -19.24
CA GLU A 163 -17.44 14.76 -19.13
CA GLU A 163 -17.46 14.67 -19.16
C GLU A 163 -17.92 15.04 -17.72
C GLU A 163 -17.88 15.04 -17.75
N ILE A 164 -17.40 14.29 -16.76
CA ILE A 164 -17.71 14.57 -15.37
C ILE A 164 -17.10 15.89 -14.97
N ARG A 165 -15.87 16.14 -15.43
CA ARG A 165 -15.14 17.34 -15.07
C ARG A 165 -15.84 18.61 -15.55
N GLN A 166 -16.48 18.53 -16.70
CA GLN A 166 -17.13 19.70 -17.29
C GLN A 166 -18.62 19.77 -16.95
N HIS A 167 -19.10 18.78 -16.21
CA HIS A 167 -20.51 18.72 -15.85
C HIS A 167 -20.88 19.82 -14.86
N GLY B 1 -44.64 -0.50 3.23
CA GLY B 1 -43.68 -0.39 4.30
C GLY B 1 -42.50 -1.33 4.08
N GLN B 2 -41.63 -1.42 5.08
CA GLN B 2 -40.48 -2.31 4.97
C GLN B 2 -40.92 -3.77 4.96
N MET B 3 -40.07 -4.61 4.40
CA MET B 3 -40.29 -6.04 4.46
C MET B 3 -40.17 -6.52 5.88
N ARG B 4 -41.02 -7.47 6.24
CA ARG B 4 -40.83 -8.16 7.49
C ARG B 4 -39.64 -9.12 7.36
N LEU B 5 -39.04 -9.44 8.50
CA LEU B 5 -37.85 -10.27 8.58
C LEU B 5 -38.13 -11.57 9.31
N PRO B 6 -37.26 -12.57 9.13
CA PRO B 6 -37.42 -13.78 9.96
C PRO B 6 -37.27 -13.43 11.43
N SER B 7 -37.78 -14.27 12.30
CA SER B 7 -37.57 -14.11 13.74
C SER B 7 -36.08 -14.18 14.07
N ALA B 8 -35.61 -13.26 14.90
CA ALA B 8 -34.22 -13.23 15.31
C ALA B 8 -33.82 -14.50 16.06
N ASP B 9 -34.82 -15.28 16.47
CA ASP B 9 -34.57 -16.54 17.17
C ASP B 9 -34.19 -17.67 16.23
N VAL B 10 -34.62 -17.60 14.97
CA VAL B 10 -34.22 -18.62 13.99
C VAL B 10 -33.19 -18.08 12.99
N TYR B 11 -33.02 -16.76 12.92
CA TYR B 11 -32.06 -16.16 12.01
C TYR B 11 -31.38 -14.96 12.68
N ARG B 12 -30.15 -15.14 13.13
CA ARG B 12 -29.49 -14.16 14.01
C ARG B 12 -29.29 -12.79 13.39
N PHE B 13 -29.25 -12.72 12.07
CA PHE B 13 -28.93 -11.49 11.37
C PHE B 13 -30.11 -10.54 11.20
N ALA B 14 -31.21 -10.86 11.89
CA ALA B 14 -32.42 -10.06 11.85
C ALA B 14 -32.60 -9.26 13.15
N GLU B 15 -31.63 -9.36 14.06
CA GLU B 15 -31.72 -8.58 15.28
C GLU B 15 -31.66 -7.09 14.94
N PRO B 16 -32.46 -6.26 15.61
CA PRO B 16 -32.43 -4.83 15.26
C PRO B 16 -31.09 -4.16 15.61
N ASP B 17 -30.67 -3.19 14.81
CA ASP B 17 -29.52 -2.36 15.15
C ASP B 17 -29.75 -1.67 16.48
N SER B 18 -28.73 -1.66 17.32
CA SER B 18 -28.74 -0.82 18.51
C SER B 18 -27.31 -0.47 18.86
N GLU B 19 -27.13 0.50 19.76
CA GLU B 19 -25.79 0.87 20.20
C GLU B 19 -25.11 -0.25 20.99
N GLU B 20 -25.86 -1.27 21.36
CA GLU B 20 -25.23 -2.43 22.00
C GLU B 20 -24.63 -3.39 20.98
N ASN B 21 -24.91 -3.21 19.69
CA ASN B 21 -24.32 -4.12 18.71
C ASN B 21 -23.70 -3.45 17.47
N ILE B 22 -23.95 -2.16 17.24
CA ILE B 22 -23.33 -1.47 16.11
C ILE B 22 -23.29 0.05 16.33
N ILE B 23 -22.17 0.66 15.98
CA ILE B 23 -22.00 2.09 16.10
C ILE B 23 -21.50 2.65 14.78
N PHE B 24 -22.18 3.68 14.29
CA PHE B 24 -21.81 4.29 13.02
C PHE B 24 -20.98 5.55 13.22
N GLU B 25 -20.13 5.87 12.26
CA GLU B 25 -19.46 7.16 12.24
C GLU B 25 -20.45 8.28 11.92
N GLU B 26 -20.14 9.49 12.38
CA GLU B 26 -20.94 10.66 12.05
C GLU B 26 -20.74 11.03 10.57
N GLY B 33 -24.16 7.55 -0.34
CA GLY B 33 -24.50 7.97 1.01
C GLY B 33 -24.79 6.78 1.90
N ILE B 34 -23.89 5.80 1.91
CA ILE B 34 -24.06 4.64 2.76
C ILE B 34 -23.33 4.85 4.08
N PRO B 35 -23.85 4.24 5.16
CA PRO B 35 -23.28 4.41 6.49
C PRO B 35 -21.86 3.87 6.59
N ILE B 36 -21.07 4.47 7.47
CA ILE B 36 -19.72 4.01 7.75
C ILE B 36 -19.66 3.48 9.18
N ILE B 37 -19.20 2.25 9.33
CA ILE B 37 -19.23 1.58 10.62
C ILE B 37 -18.00 1.87 11.47
N LYS B 38 -18.24 2.32 12.69
CA LYS B 38 -17.15 2.56 13.62
C LYS B 38 -16.81 1.29 14.39
N ALA B 39 -17.86 0.60 14.85
CA ALA B 39 -17.69 -0.57 15.68
C ALA B 39 -18.92 -1.45 15.61
N GLY B 40 -18.76 -2.74 15.91
CA GLY B 40 -19.90 -3.62 15.94
C GLY B 40 -19.56 -5.03 16.39
N THR B 41 -20.58 -5.83 16.68
CA THR B 41 -20.37 -7.25 16.89
C THR B 41 -20.02 -7.89 15.56
N VAL B 42 -19.40 -9.07 15.59
CA VAL B 42 -19.06 -9.73 14.33
C VAL B 42 -20.33 -10.05 13.53
N ILE B 43 -21.41 -10.40 14.20
CA ILE B 43 -22.70 -10.64 13.52
C ILE B 43 -23.17 -9.41 12.73
N LYS B 44 -23.08 -8.25 13.34
CA LYS B 44 -23.48 -7.02 12.66
C LYS B 44 -22.53 -6.63 11.53
N LEU B 45 -21.23 -6.87 11.71
CA LEU B 45 -20.27 -6.60 10.66
C LEU B 45 -20.62 -7.46 9.44
N ILE B 46 -20.92 -8.74 9.67
CA ILE B 46 -21.21 -9.64 8.56
C ILE B 46 -22.54 -9.29 7.88
N GLU B 47 -23.53 -8.89 8.69
CA GLU B 47 -24.80 -8.40 8.14
C GLU B 47 -24.58 -7.24 7.17
N ARG B 48 -23.79 -6.27 7.60
CA ARG B 48 -23.58 -5.08 6.77
C ARG B 48 -22.64 -5.37 5.59
N LEU B 49 -21.79 -6.38 5.75
CA LEU B 49 -20.92 -6.86 4.67
C LEU B 49 -21.72 -7.42 3.49
N THR B 50 -22.93 -7.87 3.80
CA THR B 50 -23.76 -8.58 2.84
C THR B 50 -25.17 -8.02 2.90
N TYR B 51 -25.28 -6.70 2.93
CA TYR B 51 -26.52 -6.01 3.25
C TYR B 51 -27.51 -6.05 2.09
N HIS B 52 -28.81 -6.14 2.40
CA HIS B 52 -29.76 -6.29 1.32
C HIS B 52 -29.98 -4.99 0.55
N MET B 53 -29.74 -3.83 1.17
CA MET B 53 -30.07 -2.55 0.55
C MET B 53 -29.01 -2.01 -0.40
N TYR B 54 -27.75 -2.38 -0.19
CA TYR B 54 -26.68 -1.85 -1.03
C TYR B 54 -25.45 -2.77 -1.02
N ALA B 55 -24.61 -2.61 -2.04
CA ALA B 55 -23.31 -3.27 -2.05
C ALA B 55 -22.27 -2.33 -1.46
N ASP B 56 -21.17 -2.88 -0.98
CA ASP B 56 -20.11 -2.07 -0.42
C ASP B 56 -18.77 -2.77 -0.72
N PRO B 57 -18.32 -2.71 -1.98
CA PRO B 57 -17.13 -3.43 -2.42
C PRO B 57 -15.88 -3.04 -1.64
N ASN B 58 -15.81 -1.79 -1.20
N ASN B 58 -15.81 -1.78 -1.22
CA ASN B 58 -14.67 -1.35 -0.42
CA ASN B 58 -14.69 -1.32 -0.42
C ASN B 58 -14.68 -1.95 0.98
C ASN B 58 -14.69 -1.99 0.94
N PHE B 59 -15.87 -2.11 1.54
CA PHE B 59 -16.03 -2.80 2.82
C PHE B 59 -15.62 -4.27 2.68
N VAL B 60 -15.95 -4.89 1.56
CA VAL B 60 -15.58 -6.29 1.35
C VAL B 60 -14.06 -6.44 1.35
N ARG B 61 -13.38 -5.57 0.64
CA ARG B 61 -11.91 -5.61 0.66
C ARG B 61 -11.35 -5.33 2.05
N THR B 62 -11.85 -4.28 2.70
CA THR B 62 -11.41 -3.93 4.04
C THR B 62 -11.58 -5.12 4.99
N PHE B 63 -12.78 -5.69 4.99
CA PHE B 63 -13.08 -6.81 5.85
C PHE B 63 -12.18 -8.02 5.57
N LEU B 64 -12.09 -8.45 4.31
CA LEU B 64 -11.33 -9.65 3.99
C LEU B 64 -9.83 -9.47 4.24
N THR B 65 -9.36 -8.22 4.15
CA THR B 65 -7.96 -7.93 4.43
C THR B 65 -7.64 -8.02 5.92
N THR B 66 -8.59 -7.62 6.78
CA THR B 66 -8.28 -7.41 8.19
C THR B 66 -8.98 -8.27 9.23
N TYR B 67 -9.91 -9.13 8.81
CA TYR B 67 -10.80 -9.80 9.77
C TYR B 67 -10.08 -10.77 10.72
N ARG B 68 -8.90 -11.23 10.36
CA ARG B 68 -8.28 -12.30 11.13
C ARG B 68 -7.86 -11.79 12.52
N SER B 69 -7.86 -10.47 12.70
CA SER B 69 -7.60 -9.85 13.99
C SER B 69 -8.78 -9.94 14.94
N PHE B 70 -9.95 -10.37 14.44
CA PHE B 70 -11.11 -10.53 15.32
C PHE B 70 -11.97 -11.78 15.08
N CYS B 71 -11.65 -12.55 14.04
CA CYS B 71 -12.43 -13.72 13.69
C CYS B 71 -11.56 -14.73 12.96
N LYS B 72 -11.62 -16.01 13.33
CA LYS B 72 -10.82 -17.02 12.63
C LYS B 72 -11.43 -17.35 11.27
N PRO B 73 -10.58 -17.75 10.29
CA PRO B 73 -11.12 -18.10 8.97
C PRO B 73 -12.22 -19.16 9.02
N GLN B 74 -12.05 -20.20 9.81
CA GLN B 74 -13.08 -21.25 9.92
C GLN B 74 -14.41 -20.68 10.43
N GLU B 75 -14.30 -19.74 11.37
CA GLU B 75 -15.49 -19.15 11.97
C GLU B 75 -16.15 -18.18 10.98
N LEU B 76 -15.36 -17.44 10.21
CA LEU B 76 -15.93 -16.58 9.16
C LEU B 76 -16.77 -17.40 8.18
N LEU B 77 -16.24 -18.53 7.73
CA LEU B 77 -16.98 -19.34 6.77
C LEU B 77 -18.29 -19.84 7.38
N SER B 78 -18.22 -20.32 8.62
CA SER B 78 -19.45 -20.75 9.30
C SER B 78 -20.49 -19.62 9.34
N LEU B 79 -20.03 -18.41 9.63
CA LEU B 79 -20.95 -17.28 9.75
C LEU B 79 -21.55 -16.88 8.42
N ILE B 80 -20.78 -16.92 7.32
CA ILE B 80 -21.40 -16.49 6.08
C ILE B 80 -22.31 -17.59 5.53
N ILE B 81 -22.06 -18.84 5.87
CA ILE B 81 -22.99 -19.91 5.47
C ILE B 81 -24.30 -19.74 6.24
N GLU B 82 -24.21 -19.42 7.52
CA GLU B 82 -25.37 -19.09 8.33
C GLU B 82 -26.14 -17.90 7.76
N ARG B 83 -25.41 -16.87 7.34
CA ARG B 83 -26.00 -15.70 6.68
C ARG B 83 -26.79 -16.09 5.42
N PHE B 84 -26.21 -17.01 4.65
CA PHE B 84 -26.76 -17.43 3.36
C PHE B 84 -28.10 -18.17 3.48
N GLU B 85 -28.25 -18.94 4.56
N GLU B 85 -28.27 -18.88 4.59
CA GLU B 85 -29.42 -19.80 4.69
CA GLU B 85 -29.40 -19.78 4.74
C GLU B 85 -30.58 -19.05 5.34
C GLU B 85 -30.59 -19.04 5.36
N ILE B 86 -31.29 -18.28 4.53
CA ILE B 86 -32.38 -17.43 4.99
C ILE B 86 -33.73 -18.14 4.87
N PRO B 87 -34.50 -18.15 5.97
CA PRO B 87 -35.82 -18.78 5.90
C PRO B 87 -36.83 -17.96 5.12
N GLU B 88 -37.69 -18.61 4.34
CA GLU B 88 -38.74 -17.91 3.62
C GLU B 88 -39.96 -17.76 4.53
N PRO B 89 -40.70 -16.65 4.36
CA PRO B 89 -41.87 -16.40 5.20
C PRO B 89 -43.05 -17.32 4.85
N GLU B 90 -43.95 -17.54 5.80
CA GLU B 90 -45.13 -18.37 5.58
C GLU B 90 -46.19 -17.64 4.76
N PRO B 91 -47.12 -18.38 4.13
CA PRO B 91 -48.20 -17.72 3.39
C PRO B 91 -48.97 -16.73 4.26
N THR B 92 -49.41 -15.64 3.66
CA THR B 92 -50.17 -14.62 4.35
C THR B 92 -51.66 -14.95 4.35
N GLU B 93 -52.44 -14.11 5.03
CA GLU B 93 -53.89 -14.32 5.10
C GLU B 93 -54.53 -14.36 3.71
N ALA B 94 -54.16 -13.44 2.84
CA ALA B 94 -54.72 -13.44 1.48
C ALA B 94 -54.33 -14.71 0.71
N ASP B 95 -53.11 -15.21 0.93
CA ASP B 95 -52.70 -16.44 0.27
C ASP B 95 -53.51 -17.62 0.79
N ARG B 96 -53.70 -17.69 2.11
N ARG B 96 -53.68 -17.66 2.10
CA ARG B 96 -54.47 -18.78 2.71
CA ARG B 96 -54.46 -18.70 2.77
C ARG B 96 -55.89 -18.81 2.17
C ARG B 96 -55.86 -18.80 2.20
N ILE B 97 -56.51 -17.64 2.06
CA ILE B 97 -57.88 -17.57 1.55
C ILE B 97 -57.96 -18.03 0.08
N ALA B 98 -56.97 -17.66 -0.72
CA ALA B 98 -56.95 -18.14 -2.10
C ALA B 98 -56.82 -19.65 -2.13
N ILE B 99 -55.90 -20.19 -1.34
CA ILE B 99 -55.66 -21.63 -1.32
C ILE B 99 -56.91 -22.39 -0.86
N GLU B 100 -57.64 -21.83 0.10
CA GLU B 100 -58.84 -22.49 0.61
C GLU B 100 -59.93 -22.54 -0.45
N ASN B 101 -59.86 -21.65 -1.42
CA ASN B 101 -60.80 -21.62 -2.52
C ASN B 101 -60.28 -22.37 -3.74
N GLY B 102 -59.15 -23.06 -3.58
CA GLY B 102 -58.58 -23.84 -4.66
C GLY B 102 -57.95 -22.99 -5.75
N ASP B 103 -57.64 -21.73 -5.43
CA ASP B 103 -56.98 -20.84 -6.38
C ASP B 103 -55.49 -20.73 -6.09
N GLN B 104 -54.73 -20.24 -7.05
CA GLN B 104 -53.31 -20.01 -6.84
C GLN B 104 -53.14 -18.70 -6.08
N PRO B 105 -52.36 -18.73 -5.00
CA PRO B 105 -52.09 -17.50 -4.23
C PRO B 105 -51.22 -16.54 -5.02
N LEU B 106 -51.35 -15.25 -4.75
CA LEU B 106 -50.52 -14.26 -5.39
C LEU B 106 -49.12 -14.29 -4.80
N SER B 107 -49.02 -14.65 -3.52
CA SER B 107 -47.74 -14.73 -2.80
C SER B 107 -46.89 -13.47 -2.94
N ALA B 108 -47.55 -12.31 -2.91
CA ALA B 108 -46.88 -11.05 -3.17
C ALA B 108 -45.74 -10.78 -2.17
N GLU B 109 -46.01 -11.01 -0.89
CA GLU B 109 -45.01 -10.75 0.14
C GLU B 109 -43.81 -11.70 0.00
N LEU B 110 -44.09 -12.97 -0.26
CA LEU B 110 -43.04 -13.96 -0.48
C LEU B 110 -42.17 -13.60 -1.67
N LYS B 111 -42.80 -13.23 -2.78
CA LYS B 111 -42.06 -12.86 -3.99
C LYS B 111 -41.18 -11.63 -3.75
N ARG B 112 -41.70 -10.65 -3.02
CA ARG B 112 -40.94 -9.46 -2.71
C ARG B 112 -39.73 -9.81 -1.83
N PHE B 113 -39.97 -10.61 -0.81
CA PHE B 113 -38.89 -10.98 0.11
C PHE B 113 -37.78 -11.74 -0.63
N ARG B 114 -38.14 -12.63 -1.55
CA ARG B 114 -37.13 -13.33 -2.36
C ARG B 114 -36.32 -12.37 -3.22
N LYS B 115 -37.02 -11.45 -3.85
CA LYS B 115 -36.42 -10.55 -4.81
C LYS B 115 -35.60 -9.44 -4.14
N GLU B 116 -36.06 -8.96 -2.98
CA GLU B 116 -35.42 -7.79 -2.37
C GLU B 116 -34.64 -8.09 -1.09
N TYR B 117 -34.76 -9.30 -0.55
CA TYR B 117 -33.95 -9.65 0.63
C TYR B 117 -33.09 -10.86 0.33
N ILE B 118 -33.70 -12.00 0.04
CA ILE B 118 -32.92 -13.23 -0.10
C ILE B 118 -31.93 -13.18 -1.27
N GLN B 119 -32.40 -12.83 -2.46
CA GLN B 119 -31.47 -12.85 -3.60
C GLN B 119 -30.31 -11.85 -3.47
N PRO B 120 -30.57 -10.60 -3.05
CA PRO B 120 -29.39 -9.73 -2.86
C PRO B 120 -28.44 -10.20 -1.76
N VAL B 121 -28.96 -10.64 -0.63
CA VAL B 121 -28.09 -11.08 0.46
C VAL B 121 -27.27 -12.29 0.03
N GLN B 122 -27.92 -13.28 -0.58
CA GLN B 122 -27.22 -14.48 -1.05
C GLN B 122 -26.15 -14.14 -2.10
N LEU B 123 -26.50 -13.26 -3.03
CA LEU B 123 -25.55 -12.87 -4.04
C LEU B 123 -24.36 -12.16 -3.40
N ARG B 124 -24.62 -11.33 -2.39
CA ARG B 124 -23.54 -10.62 -1.74
C ARG B 124 -22.69 -11.53 -0.85
N VAL B 125 -23.29 -12.58 -0.30
CA VAL B 125 -22.49 -13.62 0.34
C VAL B 125 -21.55 -14.29 -0.68
N LEU B 126 -22.10 -14.61 -1.85
CA LEU B 126 -21.29 -15.22 -2.89
C LEU B 126 -20.16 -14.27 -3.33
N ASN B 127 -20.42 -12.97 -3.35
CA ASN B 127 -19.38 -12.01 -3.70
C ASN B 127 -18.26 -12.00 -2.67
N VAL B 128 -18.61 -12.17 -1.39
CA VAL B 128 -17.60 -12.32 -0.35
C VAL B 128 -16.76 -13.56 -0.62
N CYS B 129 -17.42 -14.68 -0.93
CA CYS B 129 -16.70 -15.91 -1.28
C CYS B 129 -15.77 -15.72 -2.49
N ARG B 130 -16.28 -15.05 -3.51
CA ARG B 130 -15.53 -14.83 -4.74
C ARG B 130 -14.27 -14.00 -4.46
N HIS B 131 -14.44 -12.90 -3.73
CA HIS B 131 -13.30 -12.05 -3.37
C HIS B 131 -12.30 -12.77 -2.46
N TRP B 132 -12.83 -13.57 -1.56
CA TRP B 132 -12.01 -14.32 -0.61
C TRP B 132 -11.08 -15.26 -1.37
N VAL B 133 -11.66 -16.03 -2.29
CA VAL B 133 -10.90 -16.98 -3.09
C VAL B 133 -9.94 -16.29 -4.07
N GLU B 134 -10.38 -15.21 -4.70
CA GLU B 134 -9.56 -14.57 -5.73
C GLU B 134 -8.42 -13.74 -5.17
N HIS B 135 -8.66 -13.05 -4.06
CA HIS B 135 -7.72 -12.05 -3.57
C HIS B 135 -7.12 -12.37 -2.21
N HIS B 136 -7.64 -13.38 -1.54
CA HIS B 136 -7.13 -13.73 -0.22
C HIS B 136 -7.01 -15.25 -0.09
N PHE B 137 -6.54 -15.88 -1.15
CA PHE B 137 -6.51 -17.33 -1.24
C PHE B 137 -5.57 -17.97 -0.21
N TYR B 138 -4.69 -17.17 0.40
CA TYR B 138 -3.74 -17.73 1.35
C TYR B 138 -4.41 -18.41 2.54
N ASP B 139 -5.61 -17.99 2.90
CA ASP B 139 -6.34 -18.70 3.96
C ASP B 139 -6.51 -20.17 3.63
N PHE B 140 -6.77 -20.45 2.36
CA PHE B 140 -7.03 -21.79 1.88
C PHE B 140 -5.74 -22.56 1.58
N GLU B 141 -4.69 -21.85 1.20
CA GLU B 141 -3.38 -22.48 1.03
C GLU B 141 -2.88 -23.02 2.36
N ARG B 142 -3.20 -22.32 3.44
CA ARG B 142 -2.66 -22.64 4.75
C ARG B 142 -3.56 -23.56 5.56
N ASP B 143 -4.79 -23.75 5.09
CA ASP B 143 -5.74 -24.61 5.77
C ASP B 143 -6.55 -25.41 4.72
N ALA B 144 -6.09 -26.61 4.39
CA ALA B 144 -6.73 -27.43 3.36
C ALA B 144 -8.18 -27.76 3.73
N TYR B 145 -8.46 -27.90 5.01
CA TYR B 145 -9.81 -28.24 5.44
C TYR B 145 -10.77 -27.08 5.16
N LEU B 146 -10.30 -25.86 5.39
CA LEU B 146 -11.08 -24.67 5.04
C LEU B 146 -11.46 -24.70 3.58
N LEU B 147 -10.50 -25.05 2.73
CA LEU B 147 -10.76 -25.12 1.31
C LEU B 147 -11.84 -26.16 0.98
N GLN B 148 -11.76 -27.32 1.63
CA GLN B 148 -12.75 -28.35 1.43
C GLN B 148 -14.14 -27.83 1.78
N ARG B 149 -14.24 -27.13 2.90
CA ARG B 149 -15.53 -26.60 3.34
C ARG B 149 -16.10 -25.57 2.35
N MET B 150 -15.24 -24.72 1.81
CA MET B 150 -15.68 -23.75 0.81
C MET B 150 -16.14 -24.46 -0.47
N GLU B 151 -15.37 -25.45 -0.92
CA GLU B 151 -15.73 -26.19 -2.13
C GLU B 151 -17.09 -26.86 -1.97
N GLU B 152 -17.33 -27.39 -0.78
CA GLU B 152 -18.55 -28.12 -0.49
C GLU B 152 -19.75 -27.19 -0.40
N PHE B 153 -19.54 -26.05 0.26
CA PHE B 153 -20.60 -25.04 0.35
C PHE B 153 -21.02 -24.55 -1.03
N ILE B 154 -20.06 -24.06 -1.81
CA ILE B 154 -20.35 -23.54 -3.14
C ILE B 154 -20.94 -24.64 -4.02
N GLY B 155 -20.38 -25.83 -3.92
CA GLY B 155 -20.77 -26.93 -4.78
C GLY B 155 -22.13 -27.52 -4.49
N THR B 156 -22.76 -27.13 -3.39
CA THR B 156 -24.08 -27.62 -3.07
C THR B 156 -25.18 -26.55 -3.00
N VAL B 157 -24.88 -25.33 -3.42
CA VAL B 157 -25.92 -24.30 -3.54
C VAL B 157 -26.87 -24.66 -4.67
N ARG B 158 -28.16 -24.77 -4.34
CA ARG B 158 -29.18 -25.15 -5.32
C ARG B 158 -29.96 -23.95 -5.82
N GLY B 159 -30.69 -24.11 -6.90
CA GLY B 159 -31.57 -23.03 -7.33
C GLY B 159 -30.97 -22.20 -8.45
N LYS B 160 -31.81 -21.79 -9.38
CA LYS B 160 -31.31 -21.22 -10.62
C LYS B 160 -30.90 -19.77 -10.49
N ALA B 161 -31.37 -19.06 -9.48
CA ALA B 161 -31.03 -17.64 -9.37
C ALA B 161 -29.52 -17.42 -9.20
N MET B 162 -28.89 -18.27 -8.39
CA MET B 162 -27.45 -18.15 -8.11
C MET B 162 -26.57 -19.02 -9.01
N LYS B 163 -27.19 -19.87 -9.83
CA LYS B 163 -26.47 -20.90 -10.59
C LYS B 163 -25.25 -20.42 -11.40
N LYS B 164 -25.39 -19.31 -12.10
CA LYS B 164 -24.29 -18.81 -12.92
C LYS B 164 -23.05 -18.53 -12.07
N TRP B 165 -23.25 -17.93 -10.91
CA TRP B 165 -22.13 -17.52 -10.08
C TRP B 165 -21.55 -18.68 -9.30
N VAL B 166 -22.41 -19.62 -8.90
CA VAL B 166 -21.96 -20.82 -8.22
C VAL B 166 -21.07 -21.64 -9.13
N GLU B 167 -21.51 -21.85 -10.36
CA GLU B 167 -20.74 -22.63 -11.32
C GLU B 167 -19.43 -21.93 -11.64
N SER B 168 -19.46 -20.60 -11.71
CA SER B 168 -18.25 -19.82 -11.94
C SER B 168 -17.26 -19.92 -10.77
N ILE B 169 -17.76 -19.69 -9.56
CA ILE B 169 -16.88 -19.73 -8.39
C ILE B 169 -16.23 -21.11 -8.20
N THR B 170 -16.98 -22.17 -8.49
CA THR B 170 -16.40 -23.51 -8.48
C THR B 170 -15.19 -23.60 -9.41
N LYS B 171 -15.33 -23.06 -10.62
CA LYS B 171 -14.23 -23.12 -11.58
C LYS B 171 -13.04 -22.26 -11.15
N ILE B 172 -13.33 -21.09 -10.58
CA ILE B 172 -12.28 -20.20 -10.10
C ILE B 172 -11.46 -20.87 -8.99
N ILE B 173 -12.16 -21.52 -8.07
CA ILE B 173 -11.48 -22.27 -7.01
C ILE B 173 -10.53 -23.33 -7.60
N GLN B 174 -11.03 -24.11 -8.55
CA GLN B 174 -10.21 -25.17 -9.12
C GLN B 174 -9.00 -24.58 -9.86
N ARG B 175 -9.21 -23.47 -10.54
CA ARG B 175 -8.10 -22.74 -11.18
C ARG B 175 -7.05 -22.28 -10.19
N LYS B 176 -7.49 -21.66 -9.09
CA LYS B 176 -6.58 -21.12 -8.08
C LYS B 176 -5.74 -22.22 -7.45
N LYS B 177 -6.29 -23.43 -7.38
CA LYS B 177 -5.57 -24.54 -6.76
C LYS B 177 -4.33 -24.92 -7.57
N ILE B 178 -4.45 -25.03 -8.88
CA ILE B 178 -3.31 -25.47 -9.68
C ILE B 178 -2.45 -24.34 -10.22
N ALA B 179 -2.60 -23.15 -9.63
CA ALA B 179 -1.81 -22.01 -10.06
C ALA B 179 -0.74 -21.66 -9.03
N ASN B 187 0.62 -11.85 -18.62
CA ASN B 187 0.66 -11.31 -19.97
C ASN B 187 0.28 -9.83 -20.00
N ILE B 188 1.15 -8.99 -20.55
CA ILE B 188 0.99 -7.55 -20.49
C ILE B 188 0.95 -6.91 -21.89
N THR B 189 0.00 -6.00 -22.09
CA THR B 189 -0.14 -5.27 -23.35
C THR B 189 0.17 -3.79 -23.17
N PHE B 190 0.89 -3.19 -24.12
CA PHE B 190 1.29 -1.78 -24.00
C PHE B 190 0.87 -0.83 -25.12
N GLN B 191 0.78 0.46 -24.77
CA GLN B 191 0.49 1.53 -25.72
C GLN B 191 1.65 1.86 -26.65
N SER B 192 2.82 1.27 -26.39
CA SER B 192 4.01 1.54 -27.19
C SER B 192 5.04 0.43 -27.08
N SER B 193 6.10 0.53 -27.86
CA SER B 193 7.25 -0.35 -27.68
C SER B 193 8.17 0.23 -26.62
N PRO B 194 8.80 -0.64 -25.82
CA PRO B 194 9.80 -0.15 -24.88
C PRO B 194 11.00 0.43 -25.61
N PRO B 195 11.72 1.37 -25.00
CA PRO B 195 12.91 1.92 -25.64
C PRO B 195 14.04 0.90 -25.79
N THR B 196 14.98 1.20 -26.67
CA THR B 196 16.09 0.32 -26.93
C THR B 196 17.02 0.24 -25.71
N VAL B 197 17.49 -0.96 -25.40
CA VAL B 197 18.43 -1.14 -24.30
C VAL B 197 19.74 -0.44 -24.63
N GLU B 198 20.30 0.30 -23.67
CA GLU B 198 21.50 1.11 -23.92
C GLU B 198 22.77 0.46 -23.35
N TRP B 199 23.85 0.53 -24.11
CA TRP B 199 25.13 -0.06 -23.73
C TRP B 199 26.27 0.97 -23.76
N HIS B 200 27.24 0.78 -22.87
CA HIS B 200 28.35 1.71 -22.70
C HIS B 200 29.67 0.93 -22.92
N ILE B 201 30.53 0.84 -21.91
CA ILE B 201 31.79 0.10 -22.06
C ILE B 201 31.56 -1.42 -22.12
N SER B 202 30.85 -1.96 -21.13
CA SER B 202 30.46 -3.36 -21.17
C SER B 202 29.54 -3.62 -22.36
N ARG B 203 29.79 -4.69 -23.09
CA ARG B 203 28.99 -5.02 -24.26
C ARG B 203 28.12 -6.24 -23.96
N PRO B 204 27.03 -6.43 -24.73
CA PRO B 204 26.09 -7.53 -24.48
C PRO B 204 26.78 -8.88 -24.35
N GLY B 205 26.49 -9.61 -23.30
CA GLY B 205 27.06 -10.92 -23.10
C GLY B 205 28.35 -10.96 -22.32
N HIS B 206 28.90 -9.79 -22.00
CA HIS B 206 30.18 -9.73 -21.31
C HIS B 206 30.01 -9.38 -19.84
N ILE B 207 29.30 -10.26 -19.13
CA ILE B 207 28.91 -10.03 -17.76
C ILE B 207 30.09 -9.85 -16.79
N GLU B 208 31.25 -10.38 -17.17
CA GLU B 208 32.43 -10.31 -16.32
C GLU B 208 32.92 -8.89 -16.13
N THR B 209 32.54 -8.01 -17.05
CA THR B 209 33.01 -6.64 -17.03
C THR B 209 31.98 -5.68 -16.42
N PHE B 210 30.77 -6.18 -16.16
CA PHE B 210 29.71 -5.33 -15.62
C PHE B 210 30.13 -4.69 -14.30
N ASP B 211 29.90 -3.38 -14.19
CA ASP B 211 30.21 -2.63 -12.99
C ASP B 211 29.53 -1.28 -13.05
N LEU B 212 29.64 -0.52 -11.96
CA LEU B 212 28.98 0.78 -11.87
C LEU B 212 29.30 1.73 -13.03
N LEU B 213 30.56 1.76 -13.44
CA LEU B 213 31.00 2.74 -14.44
C LEU B 213 31.01 2.18 -15.87
N THR B 214 30.92 0.86 -16.02
CA THR B 214 30.98 0.23 -17.33
C THR B 214 29.61 -0.06 -17.97
N LEU B 215 28.60 -0.28 -17.14
CA LEU B 215 27.23 -0.34 -17.64
C LEU B 215 26.77 1.08 -17.97
N HIS B 216 25.79 1.22 -18.86
CA HIS B 216 25.26 2.54 -19.18
C HIS B 216 24.41 3.01 -18.00
N PRO B 217 24.64 4.24 -17.52
CA PRO B 217 23.86 4.67 -16.34
C PRO B 217 22.34 4.67 -16.60
N ILE B 218 21.93 4.91 -17.84
CA ILE B 218 20.50 4.86 -18.15
C ILE B 218 19.98 3.45 -17.89
N GLU B 219 20.74 2.47 -18.35
CA GLU B 219 20.32 1.08 -18.28
C GLU B 219 20.44 0.51 -16.88
N ILE B 220 21.41 0.99 -16.10
CA ILE B 220 21.47 0.67 -14.68
C ILE B 220 20.16 1.08 -14.01
N ALA B 221 19.75 2.32 -14.24
CA ALA B 221 18.52 2.83 -13.62
C ALA B 221 17.29 2.07 -14.11
N ARG B 222 17.24 1.76 -15.40
CA ARG B 222 16.11 1.01 -15.93
C ARG B 222 16.00 -0.40 -15.35
N GLN B 223 17.11 -1.13 -15.32
CA GLN B 223 17.07 -2.51 -14.86
C GLN B 223 16.83 -2.58 -13.34
N LEU B 224 17.39 -1.64 -12.59
CA LEU B 224 17.09 -1.60 -11.15
C LEU B 224 15.62 -1.26 -10.92
N THR B 225 15.06 -0.40 -11.76
CA THR B 225 13.66 -0.01 -11.63
C THR B 225 12.74 -1.20 -11.93
N LEU B 226 13.01 -1.96 -12.98
CA LEU B 226 12.27 -3.20 -13.25
C LEU B 226 12.34 -4.18 -12.06
N LEU B 227 13.54 -4.38 -11.54
CA LEU B 227 13.76 -5.25 -10.39
C LEU B 227 12.99 -4.78 -9.15
N GLU B 228 13.13 -3.49 -8.83
CA GLU B 228 12.50 -2.90 -7.66
C GLU B 228 10.96 -2.84 -7.81
N SER B 229 10.50 -2.59 -9.03
CA SER B 229 9.07 -2.64 -9.31
C SER B 229 8.52 -4.04 -9.07
N ASP B 230 9.16 -5.06 -9.64
CA ASP B 230 8.75 -6.44 -9.37
C ASP B 230 8.73 -6.78 -7.88
N LEU B 231 9.75 -6.37 -7.14
CA LEU B 231 9.78 -6.64 -5.71
C LEU B 231 8.62 -5.94 -4.98
N TYR B 232 8.36 -4.70 -5.39
CA TYR B 232 7.29 -3.91 -4.80
C TYR B 232 5.94 -4.58 -5.06
N ARG B 233 5.73 -5.01 -6.31
CA ARG B 233 4.48 -5.63 -6.73
C ARG B 233 4.19 -6.98 -6.09
N ALA B 234 5.23 -7.62 -5.57
CA ALA B 234 5.08 -8.96 -5.01
C ALA B 234 4.57 -8.97 -3.57
N VAL B 235 4.57 -7.81 -2.91
CA VAL B 235 4.20 -7.76 -1.50
C VAL B 235 2.68 -7.81 -1.32
N GLN B 236 2.19 -8.83 -0.61
CA GLN B 236 0.76 -8.98 -0.37
C GLN B 236 0.34 -8.44 1.00
N PRO B 237 -0.96 -8.10 1.16
CA PRO B 237 -1.42 -7.57 2.45
C PRO B 237 -1.20 -8.53 3.62
N SER B 238 -1.19 -9.82 3.35
CA SER B 238 -0.97 -10.82 4.39
C SER B 238 0.38 -10.64 5.08
N GLU B 239 1.31 -9.99 4.40
N GLU B 239 1.31 -10.00 4.39
CA GLU B 239 2.64 -9.77 4.94
CA GLU B 239 2.65 -9.77 4.93
C GLU B 239 2.68 -8.55 5.86
C GLU B 239 2.68 -8.55 5.85
N LEU B 240 1.57 -7.81 5.89
CA LEU B 240 1.52 -6.52 6.57
C LEU B 240 0.56 -6.45 7.77
N VAL B 241 -0.62 -7.00 7.59
CA VAL B 241 -1.63 -6.92 8.64
C VAL B 241 -1.14 -7.65 9.90
N GLY B 242 -1.44 -7.07 11.05
CA GLY B 242 -1.02 -7.65 12.31
C GLY B 242 0.45 -7.36 12.62
N SER B 243 1.04 -6.47 11.85
CA SER B 243 2.43 -6.04 12.03
C SER B 243 3.41 -7.21 11.99
N VAL B 244 3.08 -8.24 11.21
CA VAL B 244 3.80 -9.49 11.28
C VAL B 244 5.26 -9.40 10.78
N TRP B 245 5.60 -8.38 10.00
CA TRP B 245 6.99 -8.24 9.52
C TRP B 245 7.94 -7.79 10.64
N THR B 246 7.39 -7.42 11.79
CA THR B 246 8.19 -6.99 12.94
C THR B 246 8.33 -8.08 14.01
N LYS B 247 7.54 -9.15 13.89
N LYS B 247 7.56 -9.16 13.89
CA LYS B 247 7.46 -10.20 14.90
CA LYS B 247 7.52 -10.17 14.94
C LYS B 247 8.49 -11.31 14.71
C LYS B 247 8.47 -11.34 14.69
N GLU B 248 8.51 -12.27 15.63
CA GLU B 248 9.50 -13.34 15.59
C GLU B 248 9.42 -14.22 14.35
N ASP B 249 8.22 -14.41 13.80
CA ASP B 249 8.05 -15.24 12.61
C ASP B 249 8.07 -14.44 11.31
N LYS B 250 8.66 -13.25 11.33
CA LYS B 250 8.70 -12.40 10.15
C LYS B 250 9.24 -13.07 8.88
N GLU B 251 10.19 -13.98 8.99
CA GLU B 251 10.74 -14.59 7.77
C GLU B 251 9.73 -15.52 7.12
N ILE B 252 8.85 -16.06 7.95
CA ILE B 252 7.79 -16.95 7.47
C ILE B 252 6.63 -16.15 6.89
N ASN B 253 6.23 -15.09 7.61
CA ASN B 253 5.02 -14.36 7.27
C ASN B 253 5.22 -13.21 6.29
N SER B 254 6.43 -12.66 6.21
CA SER B 254 6.66 -11.50 5.34
C SER B 254 7.86 -11.63 4.37
N PRO B 255 8.00 -12.78 3.69
CA PRO B 255 9.24 -12.99 2.92
C PRO B 255 9.42 -12.06 1.72
N ASN B 256 8.34 -11.68 1.04
CA ASN B 256 8.49 -10.80 -0.12
C ASN B 256 8.84 -9.38 0.30
N LEU B 257 8.24 -8.95 1.40
CA LEU B 257 8.56 -7.64 1.94
C LEU B 257 10.04 -7.60 2.33
N LEU B 258 10.46 -8.61 3.06
CA LEU B 258 11.85 -8.61 3.52
C LEU B 258 12.84 -8.68 2.35
N LYS B 259 12.51 -9.45 1.32
N LYS B 259 12.51 -9.45 1.31
CA LYS B 259 13.34 -9.50 0.11
CA LYS B 259 13.35 -9.50 0.12
C LYS B 259 13.46 -8.12 -0.51
C LYS B 259 13.46 -8.12 -0.52
N MET B 260 12.36 -7.39 -0.51
CA MET B 260 12.35 -6.06 -1.09
C MET B 260 13.24 -5.12 -0.30
N ILE B 261 13.10 -5.14 1.01
CA ILE B 261 13.90 -4.27 1.88
C ILE B 261 15.39 -4.63 1.80
N ARG B 262 15.69 -5.92 1.74
CA ARG B 262 17.07 -6.35 1.73
C ARG B 262 17.75 -5.98 0.40
N HIS B 263 16.99 -5.98 -0.69
CA HIS B 263 17.50 -5.45 -1.95
C HIS B 263 17.89 -3.98 -1.82
N THR B 264 16.96 -3.17 -1.32
CA THR B 264 17.21 -1.75 -1.12
C THR B 264 18.45 -1.51 -0.23
N THR B 265 18.56 -2.26 0.84
CA THR B 265 19.69 -2.13 1.74
C THR B 265 20.98 -2.46 1.02
N ASN B 266 20.97 -3.55 0.26
CA ASN B 266 22.17 -3.96 -0.47
C ASN B 266 22.62 -2.94 -1.52
N LEU B 267 21.68 -2.34 -2.24
CA LEU B 267 22.04 -1.36 -3.25
C LEU B 267 22.64 -0.12 -2.61
N THR B 268 22.05 0.32 -1.51
CA THR B 268 22.60 1.47 -0.79
C THR B 268 24.05 1.20 -0.35
N LEU B 269 24.27 0.03 0.24
CA LEU B 269 25.62 -0.35 0.66
C LEU B 269 26.58 -0.50 -0.52
N TRP B 270 26.08 -0.98 -1.65
CA TRP B 270 26.92 -1.10 -2.84
C TRP B 270 27.39 0.28 -3.30
N PHE B 271 26.47 1.25 -3.30
CA PHE B 271 26.83 2.63 -3.66
C PHE B 271 27.92 3.14 -2.71
N GLU B 272 27.71 2.95 -1.41
CA GLU B 272 28.72 3.38 -0.44
C GLU B 272 30.08 2.71 -0.68
N LYS B 273 30.04 1.41 -0.93
CA LYS B 273 31.27 0.65 -1.17
C LYS B 273 31.98 1.12 -2.44
N CYS B 274 31.23 1.35 -3.51
CA CYS B 274 31.82 1.87 -4.75
C CYS B 274 32.55 3.19 -4.51
N ILE B 275 31.94 4.05 -3.70
CA ILE B 275 32.49 5.36 -3.42
C ILE B 275 33.79 5.27 -2.59
N VAL B 276 33.71 4.65 -1.40
CA VAL B 276 34.88 4.70 -0.49
C VAL B 276 36.01 3.74 -0.88
N GLU B 277 35.74 2.73 -1.72
CA GLU B 277 36.82 1.87 -2.22
C GLU B 277 37.52 2.46 -3.43
N THR B 278 37.05 3.61 -3.89
CA THR B 278 37.72 4.36 -4.95
C THR B 278 38.60 5.40 -4.28
N GLU B 279 39.86 5.06 -4.05
CA GLU B 279 40.73 5.89 -3.22
C GLU B 279 41.24 7.16 -3.93
N ASN B 280 41.42 7.08 -5.23
CA ASN B 280 41.85 8.24 -6.02
C ASN B 280 40.73 9.29 -6.08
N LEU B 281 41.05 10.52 -5.71
CA LEU B 281 40.03 11.58 -5.62
C LEU B 281 39.29 11.80 -6.94
N GLU B 282 40.05 11.99 -8.02
CA GLU B 282 39.45 12.20 -9.34
C GLU B 282 38.51 11.05 -9.74
N GLU B 283 38.95 9.83 -9.52
CA GLU B 283 38.11 8.68 -9.84
C GLU B 283 36.87 8.61 -8.96
N ARG B 284 37.01 8.99 -7.70
CA ARG B 284 35.89 8.93 -6.77
C ARG B 284 34.84 9.98 -7.13
N VAL B 285 35.30 11.11 -7.62
CA VAL B 285 34.38 12.14 -8.10
C VAL B 285 33.58 11.60 -9.29
N ALA B 286 34.23 10.86 -10.19
CA ALA B 286 33.50 10.25 -11.31
C ALA B 286 32.46 9.24 -10.84
N VAL B 287 32.81 8.47 -9.82
CA VAL B 287 31.87 7.50 -9.24
C VAL B 287 30.64 8.20 -8.65
N VAL B 288 30.84 9.23 -7.85
CA VAL B 288 29.71 9.94 -7.24
C VAL B 288 28.84 10.60 -8.31
N SER B 289 29.50 11.24 -9.27
N SER B 289 29.48 11.24 -9.28
CA SER B 289 28.80 11.87 -10.36
CA SER B 289 28.75 11.87 -10.37
C SER B 289 27.93 10.87 -11.12
C SER B 289 27.90 10.86 -11.12
N ARG B 290 28.45 9.66 -11.33
CA ARG B 290 27.68 8.63 -12.03
C ARG B 290 26.48 8.20 -11.20
N ILE B 291 26.67 8.08 -9.88
CA ILE B 291 25.55 7.72 -9.00
C ILE B 291 24.44 8.80 -9.03
N ILE B 292 24.81 10.07 -9.09
CA ILE B 292 23.81 11.12 -9.15
C ILE B 292 23.10 11.14 -10.53
N GLU B 293 23.79 10.71 -11.58
CA GLU B 293 23.13 10.54 -12.87
C GLU B 293 22.09 9.39 -12.80
N ILE B 294 22.45 8.30 -12.16
CA ILE B 294 21.49 7.20 -11.97
C ILE B 294 20.26 7.73 -11.20
N LEU B 295 20.51 8.52 -10.17
CA LEU B 295 19.45 9.15 -9.39
C LEU B 295 18.52 9.99 -10.29
N GLN B 296 19.11 10.72 -11.22
CA GLN B 296 18.34 11.55 -12.15
C GLN B 296 17.37 10.68 -12.97
N VAL B 297 17.86 9.53 -13.43
CA VAL B 297 17.00 8.66 -14.22
C VAL B 297 15.93 7.98 -13.34
N PHE B 298 16.31 7.62 -12.12
CA PHE B 298 15.32 7.14 -11.13
C PHE B 298 14.18 8.15 -10.98
N GLN B 299 14.53 9.43 -10.83
CA GLN B 299 13.51 10.47 -10.74
C GLN B 299 12.64 10.49 -11.98
N GLU B 300 13.26 10.40 -13.16
CA GLU B 300 12.48 10.45 -14.40
C GLU B 300 11.51 9.27 -14.51
N LEU B 301 11.89 8.14 -13.93
CA LEU B 301 11.07 6.93 -13.95
C LEU B 301 10.06 6.83 -12.79
N ASN B 302 10.02 7.83 -11.92
CA ASN B 302 9.22 7.76 -10.69
C ASN B 302 9.58 6.55 -9.81
N ASN B 303 10.84 6.15 -9.81
CA ASN B 303 11.28 5.11 -8.91
C ASN B 303 11.75 5.75 -7.61
N PHE B 304 10.82 6.00 -6.71
CA PHE B 304 11.14 6.68 -5.45
C PHE B 304 11.97 5.82 -4.51
N ASN B 305 11.76 4.52 -4.55
CA ASN B 305 12.63 3.61 -3.83
C ASN B 305 14.09 3.84 -4.24
N GLY B 306 14.33 3.87 -5.54
CA GLY B 306 15.67 4.08 -6.08
C GLY B 306 16.25 5.42 -5.67
N VAL B 307 15.45 6.47 -5.79
CA VAL B 307 15.86 7.81 -5.35
C VAL B 307 16.37 7.75 -3.90
N LEU B 308 15.60 7.11 -3.02
CA LEU B 308 15.98 7.09 -1.62
C LEU B 308 17.16 6.17 -1.34
N GLU B 309 17.35 5.13 -2.15
CA GLU B 309 18.54 4.28 -2.05
C GLU B 309 19.79 5.13 -2.22
N VAL B 310 19.75 6.04 -3.19
CA VAL B 310 20.90 6.90 -3.47
C VAL B 310 21.06 7.93 -2.37
N VAL B 311 19.98 8.61 -2.02
CA VAL B 311 20.03 9.60 -0.97
C VAL B 311 20.54 9.02 0.36
N SER B 312 20.07 7.83 0.71
CA SER B 312 20.53 7.15 1.91
C SER B 312 22.05 6.94 1.87
N ALA B 313 22.56 6.55 0.71
CA ALA B 313 24.01 6.34 0.56
C ALA B 313 24.77 7.66 0.74
N MET B 314 24.28 8.72 0.12
CA MET B 314 24.99 10.00 0.19
C MET B 314 24.92 10.62 1.58
N ASN B 315 23.93 10.23 2.38
CA ASN B 315 23.84 10.71 3.76
C ASN B 315 24.43 9.76 4.80
N SER B 316 24.98 8.65 4.33
CA SER B 316 25.60 7.69 5.24
C SER B 316 26.87 8.28 5.87
N SER B 317 27.22 7.79 7.05
CA SER B 317 28.41 8.28 7.76
C SER B 317 29.70 8.23 6.90
N PRO B 318 29.96 7.12 6.19
CA PRO B 318 31.20 7.10 5.41
C PRO B 318 31.23 8.08 4.24
N VAL B 319 30.08 8.34 3.63
CA VAL B 319 30.08 9.15 2.41
C VAL B 319 29.88 10.63 2.72
N TYR B 320 29.01 10.93 3.68
CA TYR B 320 28.63 12.29 3.99
C TYR B 320 29.83 13.20 4.27
N ARG B 321 30.84 12.65 4.93
CA ARG B 321 31.98 13.43 5.41
C ARG B 321 33.06 13.75 4.36
N LEU B 322 32.88 13.28 3.14
CA LEU B 322 33.91 13.41 2.10
C LEU B 322 33.89 14.79 1.41
N ASP B 323 34.25 15.80 2.16
CA ASP B 323 34.22 17.18 1.69
C ASP B 323 35.05 17.45 0.44
N HIS B 324 36.20 16.80 0.29
CA HIS B 324 37.04 17.03 -0.88
C HIS B 324 36.35 16.53 -2.15
N THR B 325 35.59 15.45 -2.00
CA THR B 325 34.83 14.90 -3.10
C THR B 325 33.63 15.81 -3.42
N PHE B 326 32.92 16.23 -2.39
CA PHE B 326 31.79 17.16 -2.53
C PHE B 326 32.20 18.41 -3.30
N GLU B 327 33.37 18.95 -2.99
CA GLU B 327 33.80 20.21 -3.61
C GLU B 327 33.93 20.14 -5.13
N GLN B 328 34.17 18.95 -5.68
CA GLN B 328 34.39 18.84 -7.13
C GLN B 328 33.15 18.41 -7.90
N ILE B 329 32.06 18.11 -7.20
CA ILE B 329 30.82 17.75 -7.89
C ILE B 329 30.21 18.99 -8.54
N PRO B 330 29.85 18.89 -9.84
CA PRO B 330 29.24 20.03 -10.55
C PRO B 330 28.01 20.58 -9.85
N SER B 331 27.84 21.89 -9.90
N SER B 331 27.83 21.89 -9.91
CA SER B 331 26.72 22.56 -9.26
CA SER B 331 26.70 22.55 -9.27
C SER B 331 25.36 21.98 -9.66
C SER B 331 25.35 21.97 -9.67
N ARG B 332 25.20 21.63 -10.93
N ARG B 332 25.19 21.62 -10.94
CA ARG B 332 23.93 21.11 -11.40
CA ARG B 332 23.92 21.10 -11.42
C ARG B 332 23.59 19.75 -10.75
C ARG B 332 23.59 19.74 -10.79
N GLN B 333 24.62 19.00 -10.39
CA GLN B 333 24.42 17.71 -9.76
C GLN B 333 24.18 17.87 -8.27
N LYS B 334 24.84 18.84 -7.66
CA LYS B 334 24.52 19.17 -6.28
C LYS B 334 23.04 19.54 -6.16
N LYS B 335 22.55 20.29 -7.13
N LYS B 335 22.52 20.29 -7.13
CA LYS B 335 21.15 20.71 -7.14
CA LYS B 335 21.12 20.70 -7.08
C LYS B 335 20.20 19.52 -7.25
C LYS B 335 20.18 19.52 -7.25
N ILE B 336 20.56 18.55 -8.08
CA ILE B 336 19.77 17.35 -8.26
C ILE B 336 19.69 16.55 -6.95
N LEU B 337 20.83 16.40 -6.29
CA LEU B 337 20.87 15.68 -5.03
C LEU B 337 20.10 16.41 -3.95
N GLU B 338 20.25 17.73 -3.92
CA GLU B 338 19.54 18.57 -2.96
C GLU B 338 18.02 18.40 -3.09
N GLU B 339 17.54 18.48 -4.31
CA GLU B 339 16.09 18.33 -4.56
C GLU B 339 15.60 16.94 -4.12
N ALA B 340 16.39 15.91 -4.38
CA ALA B 340 16.03 14.56 -3.97
C ALA B 340 16.02 14.45 -2.44
N HIS B 341 17.01 15.04 -1.79
CA HIS B 341 17.07 15.04 -0.33
C HIS B 341 15.88 15.75 0.30
N GLU B 342 15.40 16.81 -0.35
CA GLU B 342 14.28 17.58 0.19
C GLU B 342 12.98 16.77 0.18
N LEU B 343 12.92 15.74 -0.64
CA LEU B 343 11.74 14.84 -0.61
C LEU B 343 11.49 14.24 0.76
N SER B 344 12.58 13.94 1.47
N SER B 344 12.59 13.95 1.47
CA SER B 344 12.49 13.25 2.76
CA SER B 344 12.52 13.25 2.75
C SER B 344 12.28 14.18 3.95
C SER B 344 12.27 14.18 3.94
N GLU B 345 12.58 15.46 3.75
CA GLU B 345 12.51 16.43 4.85
C GLU B 345 11.09 16.61 5.40
N ASP B 346 11.02 17.12 6.63
N ASP B 346 11.01 17.10 6.64
CA ASP B 346 9.75 17.33 7.33
CA ASP B 346 9.74 17.33 7.30
C ASP B 346 8.83 16.11 7.22
C ASP B 346 8.82 16.11 7.22
N HIS B 347 9.34 14.96 7.63
CA HIS B 347 8.56 13.73 7.65
C HIS B 347 7.98 13.39 6.27
N TYR B 348 8.83 13.50 5.24
CA TYR B 348 8.51 13.13 3.86
C TYR B 348 7.40 13.96 3.23
N LYS B 349 7.23 15.19 3.69
CA LYS B 349 6.15 16.04 3.19
C LYS B 349 6.16 16.19 1.66
N LYS B 350 7.31 16.51 1.08
CA LYS B 350 7.36 16.69 -0.37
C LYS B 350 7.27 15.36 -1.13
N TYR B 351 7.83 14.29 -0.58
CA TYR B 351 7.69 12.99 -1.20
C TYR B 351 6.20 12.60 -1.31
N LEU B 352 5.48 12.75 -0.22
CA LEU B 352 4.08 12.31 -0.19
C LEU B 352 3.26 13.07 -1.24
N ALA B 353 3.52 14.37 -1.33
CA ALA B 353 2.87 15.20 -2.34
C ALA B 353 3.26 14.80 -3.75
N LYS B 354 4.54 14.49 -3.98
CA LYS B 354 4.99 14.12 -5.31
C LYS B 354 4.38 12.78 -5.73
N LEU B 355 4.39 11.81 -4.82
CA LEU B 355 3.82 10.50 -5.11
C LEU B 355 2.37 10.64 -5.58
N ARG B 356 1.63 11.51 -4.91
CA ARG B 356 0.21 11.68 -5.18
C ARG B 356 -0.03 12.54 -6.42
N SER B 357 1.03 13.08 -7.01
CA SER B 357 0.86 13.93 -8.18
C SER B 357 1.34 13.28 -9.49
N ILE B 358 2.24 12.31 -9.43
CA ILE B 358 2.80 11.79 -10.68
C ILE B 358 1.84 10.88 -11.45
N ASN B 359 2.24 10.56 -12.67
CA ASN B 359 1.54 9.61 -13.52
C ASN B 359 2.24 8.27 -13.42
N PRO B 360 1.58 7.28 -12.81
CA PRO B 360 2.24 5.96 -12.70
C PRO B 360 2.54 5.38 -14.08
N PRO B 361 3.38 4.35 -14.17
CA PRO B 361 3.96 3.54 -13.10
C PRO B 361 4.99 4.25 -12.22
N CYS B 362 5.08 3.80 -10.98
CA CYS B 362 6.07 4.29 -10.04
C CYS B 362 6.48 3.16 -9.10
N VAL B 363 7.54 3.40 -8.33
CA VAL B 363 7.93 2.50 -7.24
C VAL B 363 7.98 3.31 -5.95
N PRO B 364 6.94 3.18 -5.12
CA PRO B 364 6.92 3.90 -3.86
C PRO B 364 8.03 3.45 -2.92
N PHE B 365 8.36 4.32 -1.97
CA PHE B 365 9.16 3.91 -0.82
C PHE B 365 8.26 3.21 0.20
N PHE B 366 8.55 1.95 0.54
CA PHE B 366 7.64 1.17 1.39
C PHE B 366 7.69 1.57 2.86
N GLY B 367 8.83 2.11 3.32
CA GLY B 367 9.03 2.34 4.73
C GLY B 367 7.94 3.17 5.42
N ILE B 368 7.43 4.18 4.72
CA ILE B 368 6.40 5.04 5.30
C ILE B 368 5.13 4.25 5.58
N TYR B 369 4.77 3.38 4.64
CA TYR B 369 3.60 2.53 4.82
C TYR B 369 3.74 1.64 6.06
N LEU B 370 4.92 1.08 6.22
CA LEU B 370 5.18 0.17 7.34
C LEU B 370 5.00 0.89 8.68
N THR B 371 5.61 2.06 8.80
CA THR B 371 5.49 2.83 10.02
C THR B 371 4.00 3.20 10.29
N ASN B 372 3.28 3.61 9.26
CA ASN B 372 1.88 3.98 9.45
C ASN B 372 0.97 2.80 9.80
N ILE B 373 1.20 1.64 9.21
CA ILE B 373 0.43 0.46 9.58
C ILE B 373 0.73 0.06 11.03
N LEU B 374 2.00 0.02 11.38
N LEU B 374 2.01 0.02 11.38
CA LEU B 374 2.41 -0.37 12.73
CA LEU B 374 2.41 -0.36 12.73
C LEU B 374 1.82 0.56 13.78
C LEU B 374 1.81 0.56 13.79
N LYS B 375 1.90 1.86 13.54
CA LYS B 375 1.43 2.83 14.53
C LYS B 375 -0.10 2.85 14.62
N THR B 376 -0.76 2.64 13.50
CA THR B 376 -2.22 2.50 13.50
C THR B 376 -2.63 1.29 14.36
N GLU B 377 -1.91 0.19 14.21
N GLU B 377 -1.90 0.20 14.24
CA GLU B 377 -2.19 -1.03 14.97
CA GLU B 377 -2.25 -1.01 14.98
C GLU B 377 -1.92 -0.85 16.45
C GLU B 377 -1.90 -0.90 16.46
N GLU B 378 -0.79 -0.21 16.76
CA GLU B 378 -0.35 -0.06 18.13
C GLU B 378 -1.15 1.02 18.87
N GLY B 379 -1.64 2.00 18.15
CA GLY B 379 -2.25 3.17 18.77
C GLY B 379 -3.77 3.19 18.89
N ASN B 380 -4.42 2.11 18.49
CA ASN B 380 -5.88 2.00 18.59
C ASN B 380 -6.27 0.68 19.23
N PRO B 381 -7.34 0.68 20.04
CA PRO B 381 -7.77 -0.54 20.73
C PRO B 381 -8.48 -1.54 19.80
N GLU B 382 -8.33 -2.83 20.10
CA GLU B 382 -9.00 -3.86 19.35
C GLU B 382 -10.52 -3.77 19.51
N VAL B 383 -10.96 -3.38 20.70
CA VAL B 383 -12.39 -3.33 20.99
C VAL B 383 -12.81 -2.00 21.61
N LEU B 384 -14.08 -1.65 21.44
CA LEU B 384 -14.66 -0.54 22.16
C LEU B 384 -15.69 -1.11 23.14
N LYS B 385 -15.68 -0.61 24.38
CA LYS B 385 -16.64 -1.07 25.38
C LYS B 385 -17.81 -0.12 25.44
N ARG B 386 -19.00 -0.64 25.21
CA ARG B 386 -20.19 0.17 25.15
C ARG B 386 -21.36 -0.59 25.77
N HIS B 387 -21.99 0.00 26.78
CA HIS B 387 -23.16 -0.58 27.42
C HIS B 387 -22.92 -2.01 27.88
N GLY B 388 -21.75 -2.24 28.49
CA GLY B 388 -21.39 -3.56 28.97
C GLY B 388 -20.92 -4.54 27.91
N LYS B 389 -20.99 -4.13 26.65
CA LYS B 389 -20.64 -5.00 25.53
C LYS B 389 -19.27 -4.66 24.96
N GLU B 390 -18.57 -5.66 24.45
CA GLU B 390 -17.33 -5.40 23.74
C GLU B 390 -17.62 -5.47 22.25
N LEU B 391 -17.42 -4.34 21.57
CA LEU B 391 -17.63 -4.26 20.15
C LEU B 391 -16.29 -4.22 19.42
N ILE B 392 -16.21 -4.89 18.28
CA ILE B 392 -15.00 -4.82 17.45
C ILE B 392 -14.77 -3.40 16.96
N ASN B 393 -13.58 -2.87 17.20
CA ASN B 393 -13.25 -1.53 16.72
C ASN B 393 -12.94 -1.61 15.24
N PHE B 394 -13.92 -1.39 14.40
CA PHE B 394 -13.69 -1.58 12.98
C PHE B 394 -13.00 -0.39 12.31
N SER B 395 -13.14 0.81 12.88
N SER B 395 -13.15 0.80 12.89
CA SER B 395 -12.50 1.98 12.31
CA SER B 395 -12.51 2.00 12.39
C SER B 395 -10.97 1.80 12.25
C SER B 395 -10.99 1.81 12.27
N LYS B 396 -10.42 1.11 13.24
CA LYS B 396 -8.99 0.81 13.25
C LYS B 396 -8.61 -0.06 12.05
N ARG B 397 -9.43 -1.06 11.75
CA ARG B 397 -9.20 -1.94 10.61
C ARG B 397 -9.37 -1.19 9.28
N ARG B 398 -10.37 -0.31 9.21
CA ARG B 398 -10.54 0.52 8.03
C ARG B 398 -9.28 1.34 7.76
N LYS B 399 -8.70 1.91 8.82
CA LYS B 399 -7.49 2.70 8.64
C LYS B 399 -6.31 1.87 8.08
N VAL B 400 -6.13 0.67 8.61
CA VAL B 400 -5.08 -0.20 8.09
C VAL B 400 -5.33 -0.57 6.62
N ALA B 401 -6.58 -0.87 6.27
CA ALA B 401 -6.92 -1.24 4.90
C ALA B 401 -6.85 -0.06 3.93
N GLU B 402 -6.91 1.15 4.45
CA GLU B 402 -6.75 2.30 3.58
C GLU B 402 -5.30 2.34 3.13
N ILE B 403 -4.42 1.99 4.05
CA ILE B 403 -2.99 1.95 3.70
C ILE B 403 -2.71 0.79 2.74
N THR B 404 -3.19 -0.42 3.05
CA THR B 404 -2.95 -1.53 2.13
C THR B 404 -3.59 -1.26 0.76
N GLY B 405 -4.70 -0.54 0.74
CA GLY B 405 -5.34 -0.17 -0.50
C GLY B 405 -4.49 0.75 -1.36
N GLU B 406 -3.88 1.74 -0.72
N GLU B 406 -3.89 1.75 -0.73
CA GLU B 406 -2.96 2.66 -1.41
CA GLU B 406 -2.96 2.65 -1.44
C GLU B 406 -1.75 1.91 -1.99
C GLU B 406 -1.77 1.88 -2.01
N ILE B 407 -1.21 0.97 -1.21
CA ILE B 407 -0.13 0.13 -1.69
C ILE B 407 -0.54 -0.63 -2.95
N GLN B 408 -1.71 -1.28 -2.86
CA GLN B 408 -2.18 -2.07 -4.00
C GLN B 408 -2.42 -1.22 -5.23
N GLN B 409 -2.89 0.00 -5.05
CA GLN B 409 -3.20 0.85 -6.19
C GLN B 409 -1.94 1.09 -7.04
N TYR B 410 -0.78 1.23 -6.39
CA TYR B 410 0.46 1.47 -7.15
C TYR B 410 1.09 0.17 -7.67
N GLN B 411 0.53 -0.97 -7.28
CA GLN B 411 1.05 -2.25 -7.74
C GLN B 411 0.48 -2.67 -9.09
N ASN B 412 -0.49 -1.93 -9.61
CA ASN B 412 -1.17 -2.39 -10.81
C ASN B 412 -0.43 -2.07 -12.12
N GLN B 413 0.22 -0.92 -12.19
CA GLN B 413 0.74 -0.39 -13.45
C GLN B 413 2.15 -0.90 -13.75
N PRO B 414 2.33 -1.60 -14.88
CA PRO B 414 3.64 -2.15 -15.23
C PRO B 414 4.52 -1.17 -15.99
N TYR B 415 5.84 -1.28 -15.83
CA TYR B 415 6.76 -0.43 -16.59
C TYR B 415 6.92 -0.91 -18.03
N CYS B 416 6.93 0.03 -18.96
CA CYS B 416 7.18 -0.28 -20.35
C CYS B 416 8.68 -0.20 -20.62
N LEU B 417 9.42 -1.15 -20.06
CA LEU B 417 10.87 -1.24 -20.22
C LEU B 417 11.24 -2.67 -20.50
N ARG B 418 12.26 -2.89 -21.33
CA ARG B 418 12.65 -4.24 -21.67
C ARG B 418 13.65 -4.80 -20.66
N VAL B 419 13.45 -6.04 -20.22
CA VAL B 419 14.40 -6.68 -19.32
C VAL B 419 15.68 -7.04 -20.09
N GLU B 420 16.84 -6.80 -19.46
CA GLU B 420 18.11 -7.33 -19.95
C GLU B 420 18.55 -8.40 -18.95
N SER B 421 18.48 -9.66 -19.35
N SER B 421 18.47 -9.67 -19.34
CA SER B 421 18.61 -10.78 -18.41
CA SER B 421 18.59 -10.76 -18.36
C SER B 421 19.94 -10.80 -17.66
C SER B 421 19.95 -10.80 -17.65
N ASP B 422 21.02 -10.48 -18.36
CA ASP B 422 22.36 -10.44 -17.75
C ASP B 422 22.50 -9.28 -16.75
N ILE B 423 22.01 -8.11 -17.11
CA ILE B 423 22.09 -6.97 -16.18
C ILE B 423 21.21 -7.22 -14.96
N LYS B 424 20.02 -7.77 -15.21
N LYS B 424 20.02 -7.77 -15.21
CA LYS B 424 19.13 -8.20 -14.14
CA LYS B 424 19.13 -8.20 -14.15
C LYS B 424 19.84 -9.14 -13.18
C LYS B 424 19.84 -9.13 -13.18
N ARG B 425 20.50 -10.15 -13.72
CA ARG B 425 21.20 -11.14 -12.90
C ARG B 425 22.32 -10.50 -12.09
N PHE B 426 23.06 -9.60 -12.72
CA PHE B 426 24.11 -8.85 -12.04
C PHE B 426 23.59 -8.17 -10.78
N PHE B 427 22.47 -7.47 -10.88
CA PHE B 427 21.96 -6.77 -9.72
C PHE B 427 21.23 -7.68 -8.73
N GLU B 428 20.66 -8.78 -9.21
CA GLU B 428 20.07 -9.77 -8.29
C GLU B 428 21.13 -10.41 -7.40
N ASN B 429 22.32 -10.57 -7.95
CA ASN B 429 23.40 -11.28 -7.25
C ASN B 429 24.36 -10.36 -6.51
N LEU B 430 24.10 -9.06 -6.55
N LEU B 430 24.09 -9.06 -6.54
CA LEU B 430 24.93 -8.08 -5.84
CA LEU B 430 24.93 -8.08 -5.85
C LEU B 430 25.03 -8.42 -4.37
C LEU B 430 25.03 -8.41 -4.37
N ASN B 431 26.25 -8.45 -3.85
CA ASN B 431 26.46 -8.80 -2.46
C ASN B 431 27.62 -8.05 -1.84
N PRO B 432 27.45 -6.75 -1.60
CA PRO B 432 28.59 -5.94 -1.16
C PRO B 432 29.21 -6.37 0.17
N MET B 433 28.42 -6.94 1.07
N MET B 433 28.42 -6.94 1.07
CA MET B 433 28.94 -7.32 2.38
CA MET B 433 28.95 -7.32 2.38
C MET B 433 29.74 -8.61 2.33
C MET B 433 29.73 -8.63 2.33
N GLY B 434 29.58 -9.39 1.25
CA GLY B 434 30.23 -10.68 1.14
C GLY B 434 29.85 -11.56 2.32
N ASN B 435 30.83 -12.19 2.98
CA ASN B 435 30.54 -13.00 4.16
C ASN B 435 30.64 -12.23 5.47
N SER B 436 30.85 -10.93 5.39
CA SER B 436 31.03 -10.14 6.60
C SER B 436 29.71 -9.83 7.27
N MET B 437 29.73 -9.77 8.60
CA MET B 437 28.57 -9.29 9.35
C MET B 437 28.40 -7.78 9.17
N GLU B 438 27.20 -7.29 9.45
CA GLU B 438 26.87 -5.88 9.24
C GLU B 438 27.79 -4.89 9.97
N LYS B 439 28.04 -5.11 11.25
CA LYS B 439 28.86 -4.16 12.01
C LYS B 439 30.28 -4.12 11.47
N GLU B 440 30.84 -5.29 11.21
N GLU B 440 30.81 -5.32 11.25
CA GLU B 440 32.20 -5.36 10.70
CA GLU B 440 32.12 -5.54 10.65
C GLU B 440 32.30 -4.71 9.32
C GLU B 440 32.29 -4.76 9.34
N PHE B 441 31.28 -4.91 8.49
CA PHE B 441 31.28 -4.27 7.17
C PHE B 441 31.09 -2.75 7.25
N THR B 442 30.19 -2.27 8.08
CA THR B 442 29.97 -0.82 8.11
C THR B 442 31.15 -0.11 8.83
N ASP B 443 31.82 -0.80 9.75
CA ASP B 443 33.06 -0.26 10.32
C ASP B 443 34.14 -0.18 9.25
N TYR B 444 34.20 -1.19 8.40
CA TYR B 444 35.15 -1.22 7.29
C TYR B 444 34.95 0.00 6.38
N LEU B 445 33.70 0.26 6.01
CA LEU B 445 33.39 1.39 5.14
C LEU B 445 33.79 2.71 5.81
N PHE B 446 33.54 2.83 7.11
CA PHE B 446 33.87 4.09 7.77
C PHE B 446 35.39 4.27 7.85
N ASN B 447 36.10 3.18 8.10
CA ASN B 447 37.56 3.23 8.14
C ASN B 447 38.15 3.54 6.78
N LYS B 448 37.52 3.07 5.70
N LYS B 448 37.49 3.07 5.73
CA LYS B 448 37.97 3.44 4.36
CA LYS B 448 37.90 3.40 4.37
C LYS B 448 37.79 4.93 4.16
C LYS B 448 37.76 4.90 4.13
N SER B 449 36.64 5.46 4.59
CA SER B 449 36.37 6.89 4.51
C SER B 449 37.49 7.69 5.19
N LEU B 450 37.84 7.27 6.39
CA LEU B 450 38.92 7.92 7.13
C LEU B 450 40.26 7.81 6.44
N GLU B 451 40.49 6.68 5.76
CA GLU B 451 41.73 6.48 5.04
C GLU B 451 41.88 7.43 3.85
N ILE B 452 40.83 7.54 3.04
CA ILE B 452 40.90 8.30 1.80
C ILE B 452 40.74 9.82 2.00
N GLU B 453 40.08 10.25 3.07
CA GLU B 453 40.01 11.66 3.44
C GLU B 453 40.08 11.77 4.95
N PRO B 454 41.32 11.80 5.49
CA PRO B 454 41.54 11.82 6.93
C PRO B 454 40.96 13.06 7.61
N ARG B 455 40.65 12.95 8.89
N ARG B 455 40.63 12.94 8.89
CA ARG B 455 40.18 14.08 9.69
CA ARG B 455 40.16 14.08 9.68
C ARG B 455 41.23 15.17 9.75
C ARG B 455 41.22 15.17 9.77
N ASN B 456 40.80 16.42 9.64
CA ASN B 456 41.70 17.55 9.86
C ASN B 456 42.25 17.46 11.29
N PRO B 457 43.53 17.83 11.48
CA PRO B 457 44.44 18.46 10.53
C PRO B 457 45.37 17.48 9.79
N LYS B 458 45.03 16.20 9.75
CA LYS B 458 45.84 15.25 9.00
C LYS B 458 45.81 15.63 7.54
N PRO B 459 46.97 15.51 6.86
CA PRO B 459 47.02 15.88 5.45
C PRO B 459 46.28 14.91 4.54
N LEU B 460 45.81 15.42 3.42
CA LEU B 460 45.11 14.60 2.44
C LEU B 460 46.14 13.86 1.61
N PRO B 461 46.12 12.52 1.65
CA PRO B 461 47.04 11.71 0.84
C PRO B 461 46.63 11.68 -0.62
N ARG B 462 47.54 11.20 -1.46
CA ARG B 462 47.25 10.90 -2.86
C ARG B 462 47.17 9.38 -3.02
N PHE B 463 46.35 8.91 -3.96
CA PHE B 463 46.20 7.48 -4.21
C PHE B 463 46.24 7.21 -5.70
N PRO B 464 46.75 6.04 -6.10
CA PRO B 464 46.79 5.70 -7.54
C PRO B 464 45.42 5.36 -8.13
N LYS B 465 45.27 5.57 -9.43
N LYS B 465 45.26 5.59 -9.43
CA LYS B 465 44.06 5.19 -10.16
CA LYS B 465 44.04 5.21 -10.15
C LYS B 465 43.84 3.68 -10.07
C LYS B 465 43.84 3.70 -10.12
N LYS B 466 42.58 3.26 -10.15
CA LYS B 466 42.27 1.83 -10.17
C LYS B 466 41.54 1.40 -11.46
N TYR B 467 40.95 2.36 -12.18
CA TYR B 467 40.20 2.04 -13.40
C TYR B 467 41.04 2.26 -14.64
N SER B 468 41.07 1.29 -15.54
CA SER B 468 41.85 1.41 -16.77
C SER B 468 41.04 1.89 -17.97
N TYR B 469 39.74 2.09 -17.78
CA TYR B 469 38.85 2.50 -18.86
C TYR B 469 38.45 3.97 -18.70
N PRO B 470 37.86 4.58 -19.76
CA PRO B 470 37.50 5.99 -19.64
C PRO B 470 36.47 6.25 -18.55
N LEU B 471 36.61 7.35 -17.83
CA LEU B 471 35.71 7.73 -16.76
C LEU B 471 34.57 8.64 -17.23
N LYS B 472 34.67 9.14 -18.46
CA LYS B 472 33.66 10.06 -18.95
C LYS B 472 32.29 9.39 -19.08
N SER B 473 31.28 9.98 -18.47
CA SER B 473 29.93 9.44 -18.58
C SER B 473 29.36 9.60 -19.99
N PRO B 474 28.57 8.63 -20.46
CA PRO B 474 27.88 8.83 -21.73
C PRO B 474 26.64 9.70 -21.56
N GLY B 475 26.30 10.06 -20.32
CA GLY B 475 25.16 10.93 -20.07
C GLY B 475 23.87 10.16 -19.89
N VAL B 476 22.79 10.85 -19.52
CA VAL B 476 21.53 10.14 -19.26
C VAL B 476 20.38 10.52 -20.19
N ARG B 477 20.72 11.11 -21.33
N ARG B 477 20.69 11.14 -21.32
CA ARG B 477 19.77 11.32 -22.41
CA ARG B 477 19.66 11.31 -22.33
C ARG B 477 19.79 10.11 -23.34
C ARG B 477 19.75 10.16 -23.32
N PRO B 478 18.61 9.50 -23.58
CA PRO B 478 18.58 8.30 -24.41
C PRO B 478 18.86 8.57 -25.88
N SER B 479 19.38 7.55 -26.55
CA SER B 479 19.68 7.60 -27.98
C SER B 479 18.66 6.78 -28.74
N ASN B 480 18.51 7.05 -30.03
CA ASN B 480 17.55 6.29 -30.81
C ASN B 480 17.95 6.15 -32.26
N PRO B 481 18.64 5.03 -32.59
CA PRO B 481 18.93 4.69 -33.98
C PRO B 481 17.67 4.21 -34.68
N ARG B 482 17.66 4.17 -36.00
CA ARG B 482 16.47 3.68 -36.72
C ARG B 482 16.29 2.20 -36.43
N GLY C 1 9.95 31.91 17.01
CA GLY C 1 9.68 32.31 18.37
C GLY C 1 10.17 31.30 19.38
N MET C 2 9.34 30.29 19.65
CA MET C 2 9.69 29.27 20.62
C MET C 2 10.65 28.25 19.99
N THR C 3 11.46 27.64 20.84
CA THR C 3 12.46 26.68 20.39
C THR C 3 11.79 25.37 19.98
N GLU C 4 12.28 24.79 18.89
CA GLU C 4 11.83 23.48 18.46
C GLU C 4 12.96 22.48 18.66
N TYR C 5 12.65 21.36 19.29
CA TYR C 5 13.64 20.31 19.50
C TYR C 5 13.33 19.12 18.61
N LYS C 6 14.34 18.70 17.85
CA LYS C 6 14.20 17.55 16.98
C LYS C 6 14.72 16.31 17.71
N LEU C 7 13.77 15.47 18.13
CA LEU C 7 14.08 14.28 18.91
C LEU C 7 13.94 13.04 18.02
N VAL C 8 14.80 12.05 18.24
CA VAL C 8 14.77 10.83 17.44
C VAL C 8 14.70 9.63 18.36
N VAL C 9 13.73 8.75 18.13
CA VAL C 9 13.59 7.53 18.89
C VAL C 9 14.27 6.38 18.15
N VAL C 10 15.17 5.66 18.82
CA VAL C 10 15.84 4.53 18.21
C VAL C 10 15.77 3.30 19.11
N GLY C 11 15.90 2.11 18.52
CA GLY C 11 15.87 0.88 19.28
C GLY C 11 15.33 -0.30 18.48
N ALA C 12 15.48 -1.50 19.03
CA ALA C 12 15.06 -2.72 18.36
C ALA C 12 13.56 -2.71 18.01
N GLY C 13 13.23 -3.37 16.91
CA GLY C 13 11.85 -3.51 16.50
C GLY C 13 11.13 -4.66 17.17
N GLY C 14 9.82 -4.69 17.01
CA GLY C 14 9.00 -5.83 17.43
C GLY C 14 8.74 -5.92 18.91
N VAL C 15 9.11 -4.91 19.67
CA VAL C 15 8.98 -4.98 21.12
C VAL C 15 8.35 -3.72 21.73
N GLY C 16 7.40 -3.12 21.02
CA GLY C 16 6.58 -2.07 21.61
C GLY C 16 7.17 -0.67 21.67
N LYS C 17 8.30 -0.45 21.00
CA LYS C 17 8.95 0.87 20.95
C LYS C 17 8.03 2.03 20.58
N SER C 18 7.11 1.82 19.62
CA SER C 18 6.23 2.88 19.13
C SER C 18 5.27 3.44 20.18
N ALA C 19 5.05 2.69 21.24
CA ALA C 19 4.11 3.09 22.30
C ALA C 19 4.54 4.38 23.00
N LEU C 20 5.84 4.62 23.05
CA LEU C 20 6.38 5.80 23.71
C LEU C 20 5.85 7.10 23.10
N THR C 21 6.07 7.27 21.81
CA THR C 21 5.68 8.50 21.15
C THR C 21 4.17 8.60 20.99
N ILE C 22 3.52 7.48 20.68
CA ILE C 22 2.07 7.44 20.61
C ILE C 22 1.43 7.91 21.92
N GLN C 23 1.90 7.39 23.05
CA GLN C 23 1.31 7.76 24.33
C GLN C 23 1.55 9.22 24.66
N LEU C 24 2.72 9.73 24.29
CA LEU C 24 3.04 11.14 24.53
C LEU C 24 2.12 12.03 23.72
N ILE C 25 2.21 11.88 22.40
CA ILE C 25 1.56 12.77 21.43
C ILE C 25 0.06 12.59 21.47
N GLN C 26 -0.37 11.40 21.83
CA GLN C 26 -1.79 11.07 21.89
C GLN C 26 -2.57 12.13 22.59
N ASN C 27 -3.82 12.27 22.19
CA ASN C 27 -4.83 12.69 23.12
C ASN C 27 -4.60 11.76 24.29
N HIS C 28 -3.92 12.26 25.32
CA HIS C 28 -3.53 11.44 26.47
C HIS C 28 -4.71 10.61 26.92
N PHE C 29 -5.89 11.23 26.94
CA PHE C 29 -7.08 10.63 27.53
C PHE C 29 -8.07 10.00 26.57
N VAL C 30 -7.77 9.96 25.28
CA VAL C 30 -8.52 9.05 24.42
C VAL C 30 -7.52 8.17 23.69
N ASP C 31 -7.61 6.86 23.91
CA ASP C 31 -6.72 5.91 23.26
C ASP C 31 -7.15 5.76 21.80
N GLU C 32 -6.58 6.62 20.96
CA GLU C 32 -6.89 6.70 19.54
C GLU C 32 -5.68 7.29 18.80
N TYR C 33 -5.57 7.03 17.49
CA TYR C 33 -4.41 7.50 16.74
C TYR C 33 -4.56 7.38 15.21
N ASP C 34 -4.26 8.46 14.52
CA ASP C 34 -4.02 8.41 13.09
C ASP C 34 -2.64 8.99 12.80
N PRO C 35 -1.65 8.10 12.52
CA PRO C 35 -0.29 8.56 12.31
C PRO C 35 -0.11 9.29 10.99
N THR C 36 -1.06 9.13 10.07
CA THR C 36 -0.92 9.73 8.75
C THR C 36 -1.20 11.21 8.83
N ILE C 37 -1.81 11.63 9.92
CA ILE C 37 -2.23 13.01 10.09
C ILE C 37 -1.03 13.91 10.28
N GLU C 38 -0.86 14.82 9.34
CA GLU C 38 0.17 15.85 9.41
C GLU C 38 0.27 16.39 10.82
N ASP C 39 1.48 16.30 11.37
CA ASP C 39 1.79 16.76 12.71
C ASP C 39 1.11 15.92 13.80
N SER C 40 1.19 14.59 13.63
N SER C 40 1.21 14.59 13.64
CA SER C 40 0.85 13.65 14.68
CA SER C 40 0.84 13.67 14.69
C SER C 40 2.12 13.28 15.42
C SER C 40 2.13 13.26 15.40
N TYR C 41 3.15 14.09 15.21
CA TYR C 41 4.47 13.85 15.76
C TYR C 41 5.07 15.19 16.18
N ARG C 42 4.20 16.18 16.34
CA ARG C 42 4.60 17.48 16.84
C ARG C 42 3.74 17.84 18.04
N LYS C 43 4.38 18.32 19.11
CA LYS C 43 3.65 18.64 20.33
C LYS C 43 4.26 19.84 21.03
N GLN C 44 3.42 20.81 21.34
CA GLN C 44 3.83 21.96 22.13
C GLN C 44 3.72 21.60 23.61
N VAL C 45 4.79 21.82 24.35
CA VAL C 45 4.85 21.45 25.75
C VAL C 45 5.50 22.56 26.58
N VAL C 46 5.28 22.54 27.88
CA VAL C 46 5.97 23.44 28.78
C VAL C 46 6.89 22.64 29.70
N ILE C 47 8.19 22.88 29.58
CA ILE C 47 9.17 22.17 30.37
C ILE C 47 9.95 23.16 31.24
N ASP C 48 9.86 22.97 32.55
CA ASP C 48 10.47 23.87 33.52
C ASP C 48 10.08 25.32 33.25
N GLY C 49 8.81 25.52 32.94
CA GLY C 49 8.26 26.86 32.75
C GLY C 49 8.51 27.47 31.39
N GLU C 50 9.26 26.78 30.54
CA GLU C 50 9.61 27.31 29.23
C GLU C 50 8.92 26.54 28.12
N THR C 51 8.09 27.24 27.35
CA THR C 51 7.31 26.63 26.28
C THR C 51 8.19 26.27 25.08
N CYS C 52 7.99 25.08 24.55
CA CYS C 52 8.72 24.66 23.37
C CYS C 52 7.94 23.68 22.53
N LEU C 53 8.47 23.37 21.37
CA LEU C 53 7.83 22.47 20.42
C LEU C 53 8.70 21.24 20.22
N LEU C 54 8.10 20.06 20.41
CA LEU C 54 8.83 18.81 20.19
C LEU C 54 8.48 18.28 18.81
N ASP C 55 9.50 17.98 18.02
CA ASP C 55 9.31 17.34 16.73
C ASP C 55 9.92 15.95 16.86
N ILE C 56 9.08 14.91 16.86
CA ILE C 56 9.60 13.58 17.18
C ILE C 56 9.63 12.67 15.97
N LEU C 57 10.80 12.11 15.67
CA LEU C 57 10.93 11.14 14.61
C LEU C 57 10.99 9.73 15.19
N ASP C 58 9.99 8.91 14.86
CA ASP C 58 9.97 7.52 15.27
C ASP C 58 9.66 6.68 14.04
N THR C 59 10.67 6.00 13.54
CA THR C 59 10.55 5.24 12.30
C THR C 59 10.25 3.77 12.60
N ALA C 60 9.59 3.52 13.73
CA ALA C 60 9.21 2.16 14.12
C ALA C 60 8.60 1.43 12.94
N GLY C 61 9.03 0.18 12.73
CA GLY C 61 8.58 -0.62 11.59
C GLY C 61 9.56 -0.66 10.44
N GLN C 62 10.50 0.29 10.41
CA GLN C 62 11.48 0.38 9.34
C GLN C 62 12.85 -0.17 9.72
N GLU C 63 12.89 -0.96 10.78
CA GLU C 63 14.17 -1.41 11.32
C GLU C 63 15.00 -2.21 10.32
N GLU C 64 14.35 -2.89 9.38
CA GLU C 64 15.09 -3.68 8.41
C GLU C 64 15.82 -2.81 7.37
N TYR C 65 15.39 -1.56 7.19
CA TYR C 65 16.12 -0.62 6.34
C TYR C 65 17.38 -0.12 7.07
N SER C 66 18.30 -1.03 7.34
CA SER C 66 19.42 -0.74 8.21
C SER C 66 20.37 0.33 7.63
N ALA C 67 20.40 0.48 6.31
CA ALA C 67 21.31 1.47 5.74
C ALA C 67 20.71 2.88 5.76
N MET C 68 19.47 3.03 6.22
CA MET C 68 18.85 4.35 6.32
C MET C 68 19.00 4.94 7.73
N ARG C 69 19.58 4.18 8.64
CA ARG C 69 19.70 4.62 10.01
C ARG C 69 20.48 5.94 10.10
N ASP C 70 21.61 6.02 9.40
CA ASP C 70 22.42 7.23 9.43
C ASP C 70 21.61 8.44 9.00
N GLN C 71 20.93 8.31 7.86
CA GLN C 71 20.07 9.35 7.32
C GLN C 71 19.05 9.87 8.33
N TYR C 72 18.32 8.95 8.96
CA TYR C 72 17.32 9.31 9.96
C TYR C 72 17.96 9.94 11.20
N MET C 73 19.05 9.36 11.69
CA MET C 73 19.69 9.84 12.92
C MET C 73 20.26 11.24 12.77
N ARG C 74 20.75 11.53 11.56
CA ARG C 74 21.43 12.80 11.28
C ARG C 74 20.52 14.00 11.56
N THR C 75 19.22 13.80 11.44
CA THR C 75 18.25 14.86 11.66
C THR C 75 18.10 15.27 13.14
N GLY C 76 18.56 14.44 14.07
CA GLY C 76 18.23 14.64 15.47
C GLY C 76 19.17 15.48 16.30
N GLU C 77 18.63 16.21 17.27
CA GLU C 77 19.43 16.93 18.27
C GLU C 77 19.59 16.11 19.55
N GLY C 78 18.58 15.28 19.84
CA GLY C 78 18.62 14.41 21.01
C GLY C 78 17.96 13.09 20.69
N PHE C 79 18.35 12.04 21.43
CA PHE C 79 17.96 10.67 21.10
C PHE C 79 17.43 9.91 22.31
N LEU C 80 16.34 9.18 22.10
CA LEU C 80 15.88 8.22 23.09
C LEU C 80 16.28 6.85 22.62
N CYS C 81 17.15 6.20 23.37
CA CYS C 81 17.56 4.85 23.02
C CYS C 81 16.74 3.87 23.83
N VAL C 82 15.84 3.17 23.14
CA VAL C 82 14.82 2.35 23.79
C VAL C 82 15.05 0.84 23.68
N PHE C 83 14.96 0.14 24.80
CA PHE C 83 14.93 -1.32 24.78
C PHE C 83 13.70 -1.79 25.57
N ALA C 84 13.35 -3.05 25.38
CA ALA C 84 12.23 -3.65 26.13
C ALA C 84 12.76 -4.44 27.32
N ILE C 85 12.17 -4.24 28.50
CA ILE C 85 12.71 -4.87 29.70
C ILE C 85 12.50 -6.38 29.73
N ASN C 86 11.73 -6.92 28.80
CA ASN C 86 11.61 -8.37 28.70
C ASN C 86 12.32 -8.94 27.47
N ASN C 87 13.24 -8.16 26.89
CA ASN C 87 13.98 -8.65 25.73
C ASN C 87 15.46 -8.28 25.86
N THR C 88 16.25 -9.23 26.34
N THR C 88 16.26 -9.22 26.34
CA THR C 88 17.65 -8.98 26.61
CA THR C 88 17.67 -8.95 26.60
C THR C 88 18.40 -8.58 25.35
C THR C 88 18.44 -8.56 25.36
N LYS C 89 18.06 -9.16 24.21
N LYS C 89 18.07 -9.11 24.21
CA LYS C 89 18.76 -8.79 22.98
CA LYS C 89 18.74 -8.79 22.96
C LYS C 89 18.61 -7.29 22.68
C LYS C 89 18.60 -7.29 22.64
N SER C 90 17.40 -6.75 22.84
CA SER C 90 17.17 -5.32 22.60
C SER C 90 18.03 -4.45 23.53
N PHE C 91 18.28 -4.93 24.73
CA PHE C 91 19.14 -4.24 25.69
C PHE C 91 20.59 -4.31 25.22
N GLU C 92 20.99 -5.48 24.75
CA GLU C 92 22.35 -5.66 24.25
C GLU C 92 22.63 -4.85 22.98
N ASP C 93 21.60 -4.54 22.21
CA ASP C 93 21.74 -3.69 21.02
C ASP C 93 22.07 -2.23 21.33
N ILE C 94 21.82 -1.79 22.54
CA ILE C 94 21.93 -0.38 22.87
C ILE C 94 23.34 0.18 22.59
N HIS C 95 24.36 -0.57 22.96
CA HIS C 95 25.73 -0.14 22.75
C HIS C 95 25.97 0.28 21.31
N GLN C 96 25.52 -0.53 20.36
CA GLN C 96 25.78 -0.22 18.96
C GLN C 96 24.96 0.98 18.47
N TYR C 97 23.72 1.13 18.96
CA TYR C 97 22.96 2.33 18.64
C TYR C 97 23.69 3.59 19.09
N ARG C 98 24.19 3.56 20.31
CA ARG C 98 24.91 4.71 20.85
C ARG C 98 26.15 5.02 20.02
N GLU C 99 26.90 3.98 19.67
CA GLU C 99 28.11 4.17 18.86
C GLU C 99 27.78 4.76 17.50
N GLN C 100 26.67 4.31 16.93
CA GLN C 100 26.25 4.80 15.63
C GLN C 100 25.82 6.26 15.71
N ILE C 101 25.09 6.63 16.76
CA ILE C 101 24.69 8.02 16.98
C ILE C 101 25.91 8.94 17.12
N LYS C 102 26.89 8.51 17.90
CA LYS C 102 28.12 9.30 18.09
C LYS C 102 28.84 9.53 16.77
N ARG C 103 28.87 8.48 15.93
CA ARG C 103 29.53 8.57 14.64
C ARG C 103 28.80 9.53 13.71
N VAL C 104 27.48 9.40 13.59
N VAL C 104 27.49 9.38 13.61
CA VAL C 104 26.74 10.25 12.66
CA VAL C 104 26.68 10.21 12.72
C VAL C 104 26.71 11.72 13.12
C VAL C 104 26.72 11.69 13.13
N LYS C 105 26.72 11.95 14.43
CA LYS C 105 26.73 13.33 14.94
C LYS C 105 28.16 13.85 15.05
N ASP C 106 29.14 12.97 14.85
CA ASP C 106 30.57 13.28 14.98
C ASP C 106 30.86 13.97 16.31
N SER C 107 30.40 13.35 17.39
CA SER C 107 30.56 13.89 18.73
C SER C 107 30.54 12.77 19.75
N ASP C 108 31.35 12.90 20.78
CA ASP C 108 31.36 11.93 21.87
C ASP C 108 30.37 12.30 22.94
N ASP C 109 29.72 13.44 22.77
CA ASP C 109 28.79 13.96 23.77
C ASP C 109 27.48 14.41 23.12
N VAL C 110 26.65 13.44 22.77
CA VAL C 110 25.36 13.71 22.15
C VAL C 110 24.25 13.57 23.18
N PRO C 111 23.30 14.52 23.24
CA PRO C 111 22.23 14.38 24.23
C PRO C 111 21.42 13.12 24.00
N MET C 112 21.35 12.25 25.00
CA MET C 112 20.55 11.06 24.85
C MET C 112 20.11 10.51 26.20
N VAL C 113 19.03 9.73 26.16
CA VAL C 113 18.55 9.08 27.37
C VAL C 113 18.35 7.60 27.06
N LEU C 114 18.54 6.76 28.07
CA LEU C 114 18.29 5.34 27.96
C LEU C 114 16.87 5.08 28.47
N VAL C 115 16.04 4.40 27.69
CA VAL C 115 14.66 4.13 28.11
C VAL C 115 14.39 2.63 28.14
N GLY C 116 13.95 2.14 29.30
CA GLY C 116 13.55 0.77 29.45
C GLY C 116 12.03 0.70 29.40
N ASN C 117 11.51 -0.02 28.42
CA ASN C 117 10.07 0.00 28.11
C ASN C 117 9.40 -1.32 28.50
N LYS C 118 8.34 -1.23 29.30
N LYS C 118 8.35 -1.23 29.31
CA LYS C 118 7.55 -2.40 29.66
CA LYS C 118 7.57 -2.42 29.64
C LYS C 118 6.37 -2.52 28.68
C LYS C 118 6.38 -2.51 28.68
N CYS C 119 6.49 -3.43 27.72
CA CYS C 119 5.52 -3.50 26.64
C CYS C 119 4.46 -4.58 26.82
N ASP C 120 4.64 -5.44 27.82
CA ASP C 120 3.61 -6.40 28.18
C ASP C 120 3.82 -6.99 29.57
N LEU C 121 3.16 -8.10 29.83
CA LEU C 121 3.18 -8.71 31.15
C LEU C 121 4.12 -9.92 31.16
N ALA C 122 4.83 -10.15 30.05
CA ALA C 122 5.81 -11.21 30.00
C ALA C 122 6.93 -10.90 30.96
N ALA C 123 7.61 -11.95 31.40
CA ALA C 123 8.63 -11.87 32.44
C ALA C 123 9.73 -10.86 32.13
N ARG C 124 9.99 -9.94 33.05
CA ARG C 124 11.14 -9.03 32.93
C ARG C 124 12.46 -9.81 32.90
N THR C 125 13.35 -9.50 31.97
CA THR C 125 14.63 -10.18 31.93
C THR C 125 15.81 -9.22 32.10
N VAL C 126 15.54 -7.92 32.02
CA VAL C 126 16.56 -6.92 32.30
C VAL C 126 16.20 -6.18 33.59
N GLU C 127 16.99 -6.36 34.63
CA GLU C 127 16.71 -5.71 35.88
C GLU C 127 17.09 -4.22 35.84
N SER C 128 16.37 -3.43 36.62
N SER C 128 16.39 -3.42 36.61
CA SER C 128 16.61 -2.00 36.77
CA SER C 128 16.66 -1.98 36.60
C SER C 128 18.07 -1.67 36.99
C SER C 128 18.11 -1.67 36.96
N ARG C 129 18.70 -2.42 37.88
CA ARG C 129 20.10 -2.20 38.25
C ARG C 129 21.05 -2.36 37.06
N GLN C 130 20.82 -3.37 36.21
CA GLN C 130 21.66 -3.55 35.03
C GLN C 130 21.59 -2.33 34.13
N ALA C 131 20.37 -1.83 33.92
CA ALA C 131 20.16 -0.70 33.05
C ALA C 131 20.73 0.59 33.64
N GLN C 132 20.53 0.78 34.94
CA GLN C 132 21.13 1.93 35.64
C GLN C 132 22.65 1.92 35.52
N ASP C 133 23.24 0.75 35.73
CA ASP C 133 24.70 0.62 35.59
C ASP C 133 25.16 0.99 34.17
N LEU C 134 24.43 0.52 33.17
CA LEU C 134 24.77 0.82 31.78
C LEU C 134 24.69 2.32 31.52
N ALA C 135 23.57 2.93 31.90
CA ALA C 135 23.37 4.36 31.75
C ALA C 135 24.47 5.16 32.47
N ARG C 136 24.83 4.73 33.67
CA ARG C 136 25.87 5.44 34.41
C ARG C 136 27.20 5.32 33.69
N SER C 137 27.46 4.16 33.10
CA SER C 137 28.72 3.95 32.40
C SER C 137 28.83 4.89 31.19
N TYR C 138 27.68 5.27 30.63
CA TYR C 138 27.61 6.20 29.52
C TYR C 138 27.46 7.66 29.93
N GLY C 139 27.15 7.91 31.19
CA GLY C 139 26.91 9.26 31.66
C GLY C 139 25.60 9.85 31.19
N ILE C 140 24.57 9.02 31.08
CA ILE C 140 23.26 9.48 30.63
C ILE C 140 22.13 9.04 31.59
N PRO C 141 20.97 9.71 31.57
CA PRO C 141 19.87 9.31 32.44
C PRO C 141 19.23 8.00 32.01
N TYR C 142 18.59 7.32 32.96
CA TYR C 142 17.78 6.13 32.68
C TYR C 142 16.36 6.38 33.13
N ILE C 143 15.41 6.10 32.25
CA ILE C 143 13.99 6.24 32.58
C ILE C 143 13.28 4.94 32.19
N GLU C 144 12.42 4.41 33.06
CA GLU C 144 11.56 3.29 32.68
C GLU C 144 10.15 3.76 32.41
N THR C 145 9.52 3.16 31.40
CA THR C 145 8.20 3.56 30.97
C THR C 145 7.26 2.36 30.83
N SER C 146 5.96 2.60 30.92
CA SER C 146 4.97 1.58 30.64
C SER C 146 4.32 1.86 29.29
N ALA C 147 4.18 0.83 28.46
CA ALA C 147 3.54 1.00 27.16
C ALA C 147 2.02 1.01 27.29
N LYS C 148 1.52 0.76 28.49
CA LYS C 148 0.07 0.68 28.71
C LYS C 148 -0.52 1.81 29.55
N THR C 149 0.22 2.27 30.56
CA THR C 149 -0.33 3.19 31.55
C THR C 149 0.15 4.62 31.40
N ARG C 150 1.03 4.84 30.42
CA ARG C 150 1.69 6.11 30.15
C ARG C 150 2.69 6.54 31.23
N GLN C 151 2.91 5.70 32.24
CA GLN C 151 3.89 6.02 33.28
C GLN C 151 5.27 6.19 32.67
N GLY C 152 5.96 7.25 33.07
CA GLY C 152 7.35 7.46 32.64
C GLY C 152 7.50 8.17 31.31
N VAL C 153 6.42 8.26 30.54
CA VAL C 153 6.52 8.75 29.17
C VAL C 153 6.94 10.23 29.12
N GLU C 154 6.24 11.09 29.86
N GLU C 154 6.23 11.07 29.86
CA GLU C 154 6.61 12.49 29.91
CA GLU C 154 6.59 12.48 29.93
C GLU C 154 8.03 12.66 30.43
C GLU C 154 8.02 12.65 30.42
N ASP C 155 8.37 11.91 31.48
CA ASP C 155 9.69 11.97 32.09
C ASP C 155 10.78 11.64 31.06
N ALA C 156 10.55 10.66 30.20
CA ALA C 156 11.56 10.30 29.22
C ALA C 156 11.82 11.46 28.27
N PHE C 157 10.76 12.03 27.70
CA PHE C 157 10.94 13.11 26.74
C PHE C 157 11.43 14.41 27.41
N TYR C 158 10.88 14.76 28.56
CA TYR C 158 11.30 15.98 29.25
C TYR C 158 12.74 15.91 29.71
N THR C 159 13.15 14.74 30.19
CA THR C 159 14.53 14.53 30.61
C THR C 159 15.48 14.75 29.43
N LEU C 160 15.10 14.24 28.26
CA LEU C 160 15.91 14.45 27.07
C LEU C 160 16.03 15.93 26.69
N VAL C 161 14.93 16.66 26.77
CA VAL C 161 14.98 18.09 26.46
C VAL C 161 15.90 18.80 27.45
N ARG C 162 15.84 18.43 28.72
CA ARG C 162 16.75 19.00 29.71
C ARG C 162 18.21 18.67 29.37
N GLU C 163 18.47 17.48 28.84
CA GLU C 163 19.82 17.13 28.41
C GLU C 163 20.29 18.03 27.26
N ILE C 164 19.39 18.34 26.35
CA ILE C 164 19.71 19.23 25.25
C ILE C 164 19.99 20.64 25.78
N ARG C 165 19.10 21.14 26.63
CA ARG C 165 19.25 22.49 27.20
C ARG C 165 20.53 22.66 28.00
N GLN C 166 20.97 21.59 28.65
CA GLN C 166 22.12 21.65 29.54
C GLN C 166 23.41 21.20 28.89
N HIS C 167 23.34 20.92 27.59
CA HIS C 167 24.50 20.41 26.86
C HIS C 167 25.62 21.45 26.85
PG GNP D . -20.53 -9.89 -16.75
O1G GNP D . -19.71 -9.53 -15.57
O2G GNP D . -21.22 -11.22 -16.56
O3G GNP D . -21.61 -8.90 -17.05
N3B GNP D . -19.58 -9.99 -18.06
PB GNP D . -18.59 -8.88 -18.66
O1B GNP D . -17.78 -8.37 -17.54
O2B GNP D . -19.38 -7.88 -19.42
O3A GNP D . -17.68 -9.54 -19.71
PA GNP D . -16.25 -10.12 -19.51
O1A GNP D . -15.29 -9.01 -19.35
O2A GNP D . -16.26 -11.14 -18.46
O5' GNP D . -15.86 -10.81 -20.85
C5' GNP D . -16.68 -11.79 -21.46
C4' GNP D . -15.90 -12.60 -22.47
O4' GNP D . -15.62 -11.74 -23.61
C3' GNP D . -14.55 -13.13 -21.99
O3' GNP D . -14.30 -14.39 -22.55
C2' GNP D . -13.57 -12.08 -22.54
O2' GNP D . -12.26 -12.58 -22.77
C1' GNP D . -14.24 -11.69 -23.85
N9 GNP D . -13.92 -10.32 -24.26
C8 GNP D . -14.10 -9.18 -23.52
N7 GNP D . -13.73 -8.11 -24.15
C5 GNP D . -13.27 -8.57 -25.38
C6 GNP D . -12.73 -7.85 -26.48
O6 GNP D . -12.57 -6.64 -26.55
N1 GNP D . -12.39 -8.69 -27.54
C2 GNP D . -12.54 -10.05 -27.53
N2 GNP D . -12.17 -10.70 -28.64
N3 GNP D . -13.05 -10.73 -26.51
C4 GNP D . -13.39 -9.94 -25.47
MG MG E . -17.83 -8.70 -15.51
CL CL F . -7.28 -1.47 -7.51
N1 FV7 G . 25.41 17.95 1.34
N3 FV7 G . 29.81 18.86 3.64
C4 FV7 G . 26.98 14.65 1.57
C5 FV7 G . 26.42 17.15 1.72
C6 FV7 G . 24.38 17.09 0.93
C7 FV7 G . 23.10 17.39 0.40
C8 FV7 G . 22.28 16.31 0.12
C10 FV7 G . 23.96 14.68 0.81
C13 FV7 G . 21.85 19.48 0.88
C15 FV7 G . 22.20 21.47 -0.45
C17 FV7 G . 23.35 19.45 -0.97
C20 FV7 G . 29.44 19.30 2.28
C21 FV7 G . 27.92 19.09 2.09
C22 FV7 G . 27.25 15.22 -0.92
C24 FV7 G . 27.38 15.79 -3.36
F FV7 G . 29.72 14.25 -3.37
C25 FV7 G . 29.06 14.34 -2.21
C1 FV7 G . 29.57 13.67 -1.08
C FV7 G . 30.77 12.82 -1.25
C23 FV7 G . 27.91 15.11 -2.15
C3 FV7 G . 27.74 14.58 0.23
C2 FV7 G . 28.91 13.82 0.15
N FV7 G . 26.11 15.81 1.55
C11 FV7 G . 24.78 15.76 1.09
C9 FV7 G . 22.72 15.00 0.35
CL FV7 G . 21.61 13.67 0.10
C12 FV7 G . 22.76 18.77 0.10
CL1 FV7 G . 24.45 18.70 -2.06
C16 FV7 G . 23.09 20.79 -1.25
C14 FV7 G . 21.59 20.81 0.61
N2 FV7 G . 27.62 17.67 2.24
C19 FV7 G . 29.44 17.45 3.92
C18 FV7 G . 27.93 17.27 3.65
C FMT H . -37.21 -2.92 2.74
O1 FMT H . -37.51 -3.68 3.65
O2 FMT H . -36.08 -2.84 2.28
C FMT I . 27.64 -4.96 -29.28
O1 FMT I . 28.79 -4.95 -28.86
O2 FMT I . 26.82 -4.07 -29.09
C FMT J . -24.16 -6.46 -5.97
O1 FMT J . -23.81 -6.72 -4.82
O2 FMT J . -25.12 -5.77 -6.25
C FMT K . -30.08 -6.99 5.96
O1 FMT K . -29.61 -7.49 4.97
O2 FMT K . -30.93 -6.10 5.92
C FMT L . 45.10 1.17 -14.37
O1 FMT L . 44.98 0.27 -13.55
O2 FMT L . 44.74 2.33 -14.18
C1 GOL M . 14.84 6.07 -18.99
O1 GOL M . 14.17 5.04 -19.69
C2 GOL M . 15.20 7.18 -19.95
O2 GOL M . 14.11 7.42 -20.82
C3 GOL M . 15.44 8.44 -19.15
O3 GOL M . 16.76 8.90 -19.35
C1 GOL N . 6.28 -5.15 -15.67
O1 GOL N . 5.61 -6.33 -16.07
C2 GOL N . 6.86 -5.41 -14.29
O2 GOL N . 7.76 -6.47 -14.37
C3 GOL N . 7.57 -4.17 -13.75
O3 GOL N . 6.67 -3.09 -13.60
CL CL O . 14.85 -11.86 26.73
CL CL P . 7.89 20.65 33.75
#